data_1C72
#
_entry.id   1C72
#
_cell.length_a   125.600
_cell.length_b   136.650
_cell.length_c   125.740
_cell.angle_alpha   90.00
_cell.angle_beta   90.00
_cell.angle_gamma   90.00
#
_symmetry.space_group_name_H-M   'C 2 2 21'
#
loop_
_entity.id
_entity.type
_entity.pdbx_description
1 polymer 'PROTEIN (GLUTATHIONE S-TRANSFERASE)'
2 non-polymer 1-HYDROXY-2-S-GLUTATHIONYL-3-PARA-NITROPHENOXY-PROPANE
3 water water
#
_entity_poly.entity_id   1
_entity_poly.type   'polypeptide(L)'
_entity_poly.pdbx_seq_one_letter_code
;VVTLGYWDIRGLAHAIRLLLEYTETPYQERRYKAGPAPDFDPSDWTNEKEKLGLDFPNLPYLIDGDVKLTQSNAILRYIA
RKHNMCGETEVEKQRVDVLENHLMDLRMAFARLCYSPDFEKLKPAYLELLPGKLRQLSRFLGSRSWFVGDKLTFVDFLAY
DVLDQQRMFVPDCPELQGNLSQFLQRFEALEKISAYMRSGRFMKAPIFWYTALWNNKKE
;
_entity_poly.pdbx_strand_id   A,B,C,D
#
# COMPACT_ATOMS: atom_id res chain seq x y z
N VAL A 1 41.64 16.76 21.58
CA VAL A 1 41.18 17.34 20.28
C VAL A 1 41.27 16.35 19.11
N VAL A 2 40.18 16.22 18.36
CA VAL A 2 40.12 15.29 17.23
C VAL A 2 39.98 16.02 15.91
N THR A 3 40.29 15.30 14.83
CA THR A 3 40.33 15.89 13.50
C THR A 3 39.41 15.10 12.57
N LEU A 4 38.52 15.82 11.90
CA LEU A 4 37.59 15.21 10.96
C LEU A 4 37.99 15.64 9.54
N GLY A 5 38.37 14.68 8.72
CA GLY A 5 38.70 15.00 7.34
C GLY A 5 37.60 14.67 6.36
N TYR A 6 37.26 15.61 5.50
CA TYR A 6 36.23 15.42 4.49
C TYR A 6 36.33 16.58 3.50
N TRP A 7 35.62 16.53 2.38
CA TRP A 7 35.60 17.67 1.47
C TRP A 7 34.80 18.83 2.07
N ASP A 8 34.77 19.94 1.33
CA ASP A 8 33.96 21.08 1.73
C ASP A 8 32.53 20.96 1.21
N ILE A 9 31.94 19.79 1.43
CA ILE A 9 30.52 19.55 1.14
C ILE A 9 29.84 18.99 2.38
N ARG A 10 28.52 18.84 2.30
CA ARG A 10 27.72 18.19 3.34
C ARG A 10 27.94 16.68 3.29
N GLY A 11 27.44 16.04 2.23
CA GLY A 11 27.71 14.63 1.99
C GLY A 11 27.54 13.70 3.17
N LEU A 12 28.51 12.80 3.34
CA LEU A 12 28.48 11.76 4.36
C LEU A 12 28.88 12.22 5.75
N ALA A 13 29.55 13.37 5.83
CA ALA A 13 30.09 13.86 7.09
C ALA A 13 29.08 14.66 7.91
N HIS A 14 27.86 14.83 7.39
CA HIS A 14 26.87 15.66 8.04
C HIS A 14 26.45 15.08 9.37
N ALA A 15 26.14 13.79 9.38
CA ALA A 15 25.74 13.08 10.59
C ALA A 15 26.86 13.08 11.64
N ILE A 16 28.10 12.94 11.18
CA ILE A 16 29.23 12.92 12.08
C ILE A 16 29.47 14.28 12.74
N ARG A 17 29.30 15.35 11.96
CA ARG A 17 29.43 16.73 12.47
C ARG A 17 28.42 17.01 13.57
N LEU A 18 27.16 16.75 13.28
CA LEU A 18 26.07 16.91 14.26
C LEU A 18 26.36 16.13 15.54
N LEU A 19 26.94 14.95 15.38
CA LEU A 19 27.23 14.07 16.50
C LEU A 19 28.35 14.61 17.38
N LEU A 20 29.43 15.06 16.74
CA LEU A 20 30.55 15.66 17.46
C LEU A 20 30.08 16.87 18.23
N GLU A 21 29.13 17.60 17.67
CA GLU A 21 28.57 18.78 18.32
C GLU A 21 27.67 18.41 19.49
N TYR A 22 26.76 17.45 19.29
CA TYR A 22 25.83 17.01 20.33
C TYR A 22 26.57 16.41 21.52
N THR A 23 27.69 15.75 21.26
CA THR A 23 28.48 15.10 22.30
C THR A 23 29.52 16.05 22.88
N GLU A 24 29.60 17.25 22.31
CA GLU A 24 30.54 18.30 22.74
C GLU A 24 31.99 17.86 22.66
N THR A 25 32.28 16.93 21.76
CA THR A 25 33.65 16.51 21.50
C THR A 25 34.38 17.68 20.84
N PRO A 26 35.47 18.15 21.47
CA PRO A 26 36.38 19.12 20.86
C PRO A 26 37.06 18.59 19.60
N TYR A 27 36.80 19.26 18.48
CA TYR A 27 37.32 18.83 17.19
C TYR A 27 37.59 20.01 16.27
N GLN A 28 38.44 19.77 15.28
CA GLN A 28 38.58 20.68 14.16
C GLN A 28 38.39 19.92 12.87
N GLU A 29 38.46 20.63 11.75
CA GLU A 29 38.13 20.05 10.46
C GLU A 29 39.19 20.30 9.39
N ARG A 30 39.66 19.22 8.77
CA ARG A 30 40.45 19.31 7.55
C ARG A 30 39.52 19.19 6.34
N ARG A 31 39.00 20.32 5.88
CA ARG A 31 38.11 20.33 4.73
C ARG A 31 38.90 20.44 3.43
N TYR A 32 38.62 19.51 2.52
CA TYR A 32 39.41 19.35 1.31
C TYR A 32 38.75 20.04 0.12
N LYS A 33 39.57 20.50 -0.82
CA LYS A 33 39.11 21.36 -1.90
C LYS A 33 39.40 20.77 -3.27
N ALA A 34 38.42 20.89 -4.16
CA ALA A 34 38.60 20.53 -5.55
C ALA A 34 39.10 21.73 -6.36
N GLY A 35 39.71 21.45 -7.51
CA GLY A 35 40.02 22.51 -8.45
C GLY A 35 38.74 23.05 -9.06
N PRO A 36 38.84 24.13 -9.85
CA PRO A 36 37.68 24.74 -10.52
C PRO A 36 37.05 23.85 -11.61
N ALA A 37 35.89 24.28 -12.11
CA ALA A 37 35.16 23.54 -13.15
C ALA A 37 35.82 23.67 -14.52
N PRO A 38 35.65 22.65 -15.40
CA PRO A 38 34.95 21.39 -15.12
C PRO A 38 35.84 20.26 -14.57
N ASP A 39 37.15 20.52 -14.50
CA ASP A 39 38.10 19.49 -14.09
C ASP A 39 37.88 19.00 -12.66
N PHE A 40 37.63 19.93 -11.75
CA PHE A 40 37.50 19.65 -10.32
C PHE A 40 38.67 18.86 -9.75
N ASP A 41 39.83 19.50 -9.70
CA ASP A 41 41.07 18.82 -9.35
C ASP A 41 41.14 18.37 -7.89
N PRO A 42 41.22 17.04 -7.67
CA PRO A 42 41.19 16.42 -6.35
C PRO A 42 42.53 16.44 -5.61
N SER A 43 43.50 17.19 -6.12
CA SER A 43 44.88 17.05 -5.67
C SER A 43 45.12 17.37 -4.21
N ASP A 44 44.32 18.27 -3.63
CA ASP A 44 44.49 18.59 -2.21
C ASP A 44 44.39 17.34 -1.31
N TRP A 45 43.54 16.40 -1.72
CA TRP A 45 43.34 15.15 -1.01
C TRP A 45 44.33 14.09 -1.46
N THR A 46 44.44 13.89 -2.77
CA THR A 46 45.25 12.82 -3.34
C THR A 46 46.73 12.89 -2.96
N ASN A 47 47.23 14.11 -2.74
CA ASN A 47 48.64 14.33 -2.38
C ASN A 47 48.91 13.94 -0.91
N GLU A 48 47.86 13.54 -0.21
CA GLU A 48 47.90 13.40 1.23
C GLU A 48 47.32 12.05 1.64
N LYS A 49 46.59 11.43 0.71
CA LYS A 49 45.83 10.19 0.95
C LYS A 49 46.62 9.11 1.70
N GLU A 50 47.93 9.03 1.41
CA GLU A 50 48.78 7.94 1.89
C GLU A 50 49.61 8.29 3.13
N LYS A 51 49.85 9.59 3.34
CA LYS A 51 50.78 10.02 4.38
C LYS A 51 50.11 10.22 5.73
N LEU A 52 48.82 9.85 5.82
CA LEU A 52 48.08 10.08 7.07
C LEU A 52 48.12 8.89 8.02
N GLY A 53 48.54 7.74 7.52
CA GLY A 53 48.67 6.56 8.37
C GLY A 53 47.36 5.78 8.56
N LEU A 54 46.39 6.07 7.71
CA LEU A 54 45.12 5.34 7.72
C LEU A 54 45.29 3.95 7.13
N ASP A 55 44.60 2.98 7.71
CA ASP A 55 44.68 1.60 7.25
C ASP A 55 44.09 1.44 5.85
N PHE A 56 42.90 2.01 5.66
CA PHE A 56 42.22 2.01 4.36
C PHE A 56 41.80 3.44 3.99
N PRO A 57 42.73 4.25 3.46
CA PRO A 57 42.49 5.67 3.24
C PRO A 57 41.19 5.96 2.47
N ASN A 58 40.44 6.95 2.94
CA ASN A 58 39.13 7.31 2.38
C ASN A 58 38.65 8.58 3.06
N LEU A 59 37.49 9.08 2.65
CA LEU A 59 36.88 10.29 3.23
C LEU A 59 35.39 10.04 3.50
N PRO A 60 34.93 10.23 4.75
CA PRO A 60 35.60 10.89 5.87
C PRO A 60 36.62 10.04 6.62
N TYR A 61 37.59 10.71 7.25
CA TYR A 61 38.40 10.07 8.29
C TYR A 61 38.23 10.78 9.62
N LEU A 62 38.62 10.10 10.69
CA LEU A 62 38.68 10.73 12.00
C LEU A 62 39.96 10.34 12.72
N ILE A 63 40.64 11.34 13.26
CA ILE A 63 41.84 11.08 14.04
C ILE A 63 41.68 11.56 15.47
N ASP A 64 41.77 10.64 16.41
CA ASP A 64 41.71 10.99 17.82
C ASP A 64 42.90 10.37 18.52
N GLY A 65 44.04 11.03 18.34
CA GLY A 65 45.28 10.52 18.90
C GLY A 65 45.86 9.44 18.02
N ASP A 66 45.90 8.22 18.53
CA ASP A 66 46.44 7.09 17.78
C ASP A 66 45.35 6.25 17.15
N VAL A 67 44.10 6.58 17.49
CA VAL A 67 42.94 6.01 16.82
C VAL A 67 42.66 6.77 15.53
N LYS A 68 42.83 6.07 14.42
CA LYS A 68 42.75 6.68 13.11
C LYS A 68 41.82 5.86 12.22
N LEU A 69 40.65 6.41 11.95
CA LEU A 69 39.56 5.63 11.36
C LEU A 69 39.07 6.19 10.03
N THR A 70 38.53 5.28 9.22
CA THR A 70 37.78 5.65 8.01
C THR A 70 36.44 4.92 8.02
N GLN A 71 35.58 5.21 7.03
CA GLN A 71 34.20 4.70 6.98
C GLN A 71 33.27 5.44 7.93
N SER A 72 32.24 6.07 7.36
CA SER A 72 31.36 6.94 8.11
C SER A 72 30.61 6.22 9.22
N ASN A 73 30.10 5.03 8.93
CA ASN A 73 29.36 4.28 9.92
C ASN A 73 30.26 3.84 11.06
N ALA A 74 31.51 3.50 10.73
CA ALA A 74 32.50 3.08 11.73
C ALA A 74 32.95 4.23 12.61
N ILE A 75 33.01 5.42 12.00
CA ILE A 75 33.37 6.63 12.70
C ILE A 75 32.27 7.01 13.70
N LEU A 76 31.01 6.86 13.28
CA LEU A 76 29.87 7.16 14.13
C LEU A 76 29.73 6.19 15.30
N ARG A 77 30.05 4.92 15.04
CA ARG A 77 30.01 3.89 16.07
C ARG A 77 31.03 4.17 17.16
N TYR A 78 32.17 4.74 16.77
CA TYR A 78 33.24 4.99 17.72
C TYR A 78 32.91 6.12 18.68
N ILE A 79 32.34 7.21 18.16
CA ILE A 79 31.92 8.31 19.02
C ILE A 79 30.77 7.85 19.90
N ALA A 80 29.87 7.06 19.33
CA ALA A 80 28.70 6.59 20.04
C ALA A 80 29.07 5.72 21.24
N ARG A 81 30.08 4.87 21.07
CA ARG A 81 30.53 3.99 22.16
C ARG A 81 31.10 4.80 23.35
N LYS A 82 31.80 5.89 23.05
CA LYS A 82 32.37 6.76 24.08
C LYS A 82 31.29 7.48 24.88
N HIS A 83 30.06 7.52 24.36
CA HIS A 83 28.96 8.27 24.97
C HIS A 83 27.69 7.43 25.13
N ASN A 84 27.86 6.11 25.08
CA ASN A 84 26.78 5.17 25.34
C ASN A 84 25.53 5.45 24.51
N MET A 85 25.75 5.81 23.25
CA MET A 85 24.65 6.06 22.32
C MET A 85 24.53 4.95 21.28
N CYS A 86 24.95 3.75 21.67
CA CYS A 86 24.65 2.55 20.92
C CYS A 86 23.46 1.87 21.60
N GLY A 87 23.08 0.70 21.11
CA GLY A 87 22.02 -0.05 21.76
C GLY A 87 22.46 -0.55 23.12
N GLU A 88 21.48 -0.83 23.99
CA GLU A 88 21.79 -1.42 25.28
C GLU A 88 21.31 -2.86 25.39
N THR A 89 20.02 -3.11 25.11
CA THR A 89 19.53 -4.49 25.06
C THR A 89 19.68 -5.09 23.66
N GLU A 90 19.39 -6.38 23.54
CA GLU A 90 19.48 -7.10 22.27
C GLU A 90 18.56 -6.47 21.24
N VAL A 91 17.35 -6.14 21.67
CA VAL A 91 16.35 -5.57 20.77
C VAL A 91 16.87 -4.25 20.22
N GLU A 92 17.41 -3.42 21.10
CA GLU A 92 17.96 -2.12 20.71
C GLU A 92 19.11 -2.23 19.72
N LYS A 93 19.98 -3.21 19.92
CA LYS A 93 21.06 -3.45 18.99
C LYS A 93 20.58 -4.00 17.63
N GLN A 94 19.50 -4.80 17.65
CA GLN A 94 18.88 -5.28 16.42
C GLN A 94 18.37 -4.12 15.60
N ARG A 95 17.75 -3.16 16.29
CA ARG A 95 17.19 -1.99 15.64
C ARG A 95 18.27 -1.07 15.08
N VAL A 96 19.38 -0.94 15.79
CA VAL A 96 20.49 -0.11 15.32
C VAL A 96 21.14 -0.72 14.07
N ASP A 97 21.36 -2.01 14.11
CA ASP A 97 22.07 -2.66 13.02
C ASP A 97 21.25 -2.72 11.73
N VAL A 98 19.93 -2.84 11.84
CA VAL A 98 19.09 -2.89 10.65
C VAL A 98 18.90 -1.50 10.05
N LEU A 99 18.69 -0.51 10.91
CA LEU A 99 18.48 0.86 10.48
C LEU A 99 19.75 1.49 9.89
N GLU A 100 20.90 1.17 10.49
CA GLU A 100 22.20 1.64 10.00
C GLU A 100 22.41 1.25 8.54
N ASN A 101 22.01 0.02 8.21
CA ASN A 101 22.22 -0.54 6.89
C ASN A 101 21.11 -0.15 5.93
N HIS A 102 19.90 -0.04 6.46
CA HIS A 102 18.74 0.33 5.65
C HIS A 102 18.84 1.77 5.16
N LEU A 103 19.21 2.67 6.07
CA LEU A 103 19.37 4.08 5.75
C LEU A 103 20.53 4.34 4.78
N MET A 104 21.52 3.45 4.76
CA MET A 104 22.58 3.55 3.77
C MET A 104 22.04 3.20 2.39
N ASP A 105 21.16 2.19 2.34
CA ASP A 105 20.49 1.81 1.09
C ASP A 105 19.72 2.99 0.54
N LEU A 106 18.92 3.62 1.40
CA LEU A 106 18.13 4.79 1.03
C LEU A 106 19.02 5.94 0.56
N ARG A 107 20.08 6.17 1.33
CA ARG A 107 21.08 7.19 1.03
C ARG A 107 21.69 6.98 -0.36
N MET A 108 22.08 5.74 -0.64
CA MET A 108 22.80 5.44 -1.88
C MET A 108 21.89 5.39 -3.11
N ALA A 109 20.64 4.99 -2.91
CA ALA A 109 19.66 4.98 -4.00
C ALA A 109 19.36 6.39 -4.49
N PHE A 110 19.32 7.32 -3.54
CA PHE A 110 19.12 8.75 -3.81
C PHE A 110 20.35 9.34 -4.53
N ALA A 111 21.54 8.97 -4.07
CA ALA A 111 22.78 9.48 -4.65
C ALA A 111 22.88 9.06 -6.10
N ARG A 112 22.57 7.78 -6.34
CA ARG A 112 22.57 7.22 -7.69
C ARG A 112 21.77 8.07 -8.66
N LEU A 113 20.56 8.43 -8.25
CA LEU A 113 19.67 9.26 -9.07
C LEU A 113 20.28 10.62 -9.36
N CYS A 114 20.77 11.29 -8.33
CA CYS A 114 21.20 12.68 -8.46
C CYS A 114 22.56 12.85 -9.14
N TYR A 115 23.28 11.75 -9.31
CA TYR A 115 24.54 11.78 -10.03
C TYR A 115 24.39 11.28 -11.46
N SER A 116 23.27 10.61 -11.74
CA SER A 116 22.98 10.06 -13.06
C SER A 116 22.63 11.17 -14.05
N PRO A 117 23.28 11.19 -15.23
CA PRO A 117 22.91 12.13 -16.31
C PRO A 117 21.48 11.92 -16.84
N ASP A 118 20.98 10.69 -16.69
CA ASP A 118 19.59 10.36 -17.04
C ASP A 118 18.65 10.80 -15.91
N PHE A 119 19.08 11.79 -15.14
CA PHE A 119 18.39 12.21 -13.93
C PHE A 119 16.90 12.44 -14.17
N GLU A 120 16.59 13.24 -15.18
CA GLU A 120 15.22 13.65 -15.46
C GLU A 120 14.34 12.47 -15.85
N LYS A 121 14.92 11.52 -16.57
CA LYS A 121 14.21 10.31 -17.00
C LYS A 121 13.88 9.42 -15.80
N LEU A 122 14.73 9.48 -14.77
CA LEU A 122 14.64 8.56 -13.64
C LEU A 122 13.87 9.15 -12.46
N LYS A 123 13.72 10.47 -12.46
CA LYS A 123 13.06 11.18 -11.37
C LYS A 123 11.65 10.67 -11.05
N PRO A 124 10.76 10.54 -12.06
CA PRO A 124 9.39 10.04 -11.80
C PRO A 124 9.33 8.67 -11.14
N ALA A 125 10.20 7.75 -11.59
CA ALA A 125 10.25 6.39 -11.05
C ALA A 125 10.58 6.39 -9.56
N TYR A 126 11.59 7.20 -9.21
CA TYR A 126 12.02 7.38 -7.81
C TYR A 126 10.88 7.89 -6.94
N LEU A 127 10.15 8.89 -7.44
CA LEU A 127 9.09 9.54 -6.66
C LEU A 127 7.83 8.69 -6.47
N GLU A 128 7.72 7.61 -7.24
CA GLU A 128 6.61 6.66 -7.06
C GLU A 128 6.90 5.72 -5.88
N LEU A 129 8.12 5.19 -5.86
CA LEU A 129 8.55 4.24 -4.84
C LEU A 129 8.84 4.90 -3.48
N LEU A 130 8.96 6.22 -3.47
CA LEU A 130 9.42 6.94 -2.28
C LEU A 130 8.40 7.00 -1.15
N PRO A 131 7.14 7.37 -1.47
CA PRO A 131 6.11 7.38 -0.43
C PRO A 131 6.03 6.08 0.36
N GLY A 132 6.24 4.96 -0.32
CA GLY A 132 6.18 3.66 0.35
C GLY A 132 7.35 3.42 1.28
N LYS A 133 8.53 3.88 0.87
CA LYS A 133 9.73 3.82 1.70
C LYS A 133 9.56 4.68 2.95
N LEU A 134 8.94 5.84 2.78
CA LEU A 134 8.68 6.74 3.90
C LEU A 134 7.61 6.21 4.87
N ARG A 135 6.65 5.48 4.35
CA ARG A 135 5.59 4.90 5.18
C ARG A 135 6.12 3.75 6.02
N GLN A 136 7.18 3.09 5.55
CA GLN A 136 7.81 2.00 6.30
C GLN A 136 8.53 2.54 7.53
N LEU A 137 9.26 3.63 7.34
CA LEU A 137 9.94 4.36 8.40
C LEU A 137 8.95 4.94 9.40
N SER A 138 7.84 5.46 8.89
CA SER A 138 6.79 6.02 9.74
C SER A 138 6.18 4.93 10.64
N ARG A 139 5.96 3.75 10.09
CA ARG A 139 5.40 2.66 10.88
C ARG A 139 6.40 2.19 11.95
N PHE A 140 7.68 2.14 11.58
CA PHE A 140 8.71 1.64 12.48
C PHE A 140 8.88 2.52 13.71
N LEU A 141 9.09 3.82 13.50
CA LEU A 141 9.21 4.77 14.59
C LEU A 141 7.96 4.77 15.47
N GLY A 142 6.79 4.77 14.85
CA GLY A 142 5.54 4.70 15.60
C GLY A 142 5.29 5.93 16.45
N SER A 143 4.88 5.70 17.70
CA SER A 143 4.67 6.79 18.64
C SER A 143 5.92 7.03 19.50
N ARG A 144 7.02 6.39 19.14
CA ARG A 144 8.26 6.49 19.88
C ARG A 144 8.83 7.91 19.78
N SER A 145 9.62 8.30 20.77
CA SER A 145 10.37 9.54 20.69
C SER A 145 11.54 9.41 19.71
N TRP A 146 12.39 8.40 19.90
CA TRP A 146 13.53 8.18 19.01
C TRP A 146 13.38 6.85 18.27
N PHE A 147 14.34 6.55 17.41
CA PHE A 147 14.19 5.44 16.48
C PHE A 147 14.48 4.07 17.07
N VAL A 148 15.31 4.04 18.10
CA VAL A 148 15.73 2.78 18.71
C VAL A 148 15.08 2.57 20.08
N GLY A 149 14.41 3.60 20.60
CA GLY A 149 13.72 3.46 21.86
C GLY A 149 13.57 4.77 22.61
N ASP A 150 13.93 4.72 23.90
CA ASP A 150 13.81 5.87 24.79
C ASP A 150 15.02 6.79 24.63
N LYS A 151 16.12 6.18 24.22
CA LYS A 151 17.43 6.81 24.22
C LYS A 151 17.77 7.27 22.80
N LEU A 152 18.28 8.50 22.68
CA LEU A 152 18.94 8.95 21.47
C LEU A 152 20.14 8.05 21.18
N THR A 153 20.28 7.67 19.92
CA THR A 153 21.43 6.88 19.49
C THR A 153 21.95 7.46 18.18
N PHE A 154 23.08 6.95 17.70
CA PHE A 154 23.72 7.53 16.53
C PHE A 154 22.90 7.30 15.26
N VAL A 155 21.95 6.38 15.35
CA VAL A 155 21.13 6.03 14.20
C VAL A 155 20.08 7.10 13.97
N ASP A 156 19.77 7.86 15.01
CA ASP A 156 18.84 8.98 14.88
C ASP A 156 19.49 10.13 14.11
N PHE A 157 20.82 10.19 14.15
CA PHE A 157 21.58 11.18 13.38
C PHE A 157 21.60 10.85 11.90
N LEU A 158 21.67 9.56 11.59
CA LEU A 158 21.58 9.08 10.22
C LEU A 158 20.17 9.25 9.66
N ALA A 159 19.17 8.93 10.49
CA ALA A 159 17.77 9.05 10.13
C ALA A 159 17.47 10.48 9.72
N TYR A 160 17.89 11.42 10.57
CA TYR A 160 17.64 12.82 10.35
C TYR A 160 18.27 13.30 9.05
N ASP A 161 19.53 12.92 8.85
CA ASP A 161 20.31 13.33 7.69
C ASP A 161 19.65 12.86 6.40
N VAL A 162 19.26 11.60 6.39
CA VAL A 162 18.60 10.97 5.24
C VAL A 162 17.25 11.63 4.97
N LEU A 163 16.45 11.82 6.02
CA LEU A 163 15.14 12.47 5.90
C LEU A 163 15.28 13.93 5.49
N ASP A 164 16.32 14.59 5.99
CA ASP A 164 16.54 16.00 5.67
C ASP A 164 16.74 16.11 4.17
N GLN A 165 17.48 15.15 3.59
CA GLN A 165 17.76 15.14 2.16
C GLN A 165 16.47 15.00 1.35
N GLN A 166 15.57 14.13 1.80
CA GLN A 166 14.31 13.92 1.10
C GLN A 166 13.44 15.15 1.22
N ARG A 167 13.50 15.80 2.38
CA ARG A 167 12.71 16.99 2.69
C ARG A 167 13.15 18.19 1.85
N MET A 168 14.44 18.26 1.55
CA MET A 168 15.00 19.29 0.70
C MET A 168 14.66 19.02 -0.77
N PHE A 169 14.54 17.74 -1.10
CA PHE A 169 14.24 17.32 -2.46
C PHE A 169 12.77 17.54 -2.84
N VAL A 170 11.87 16.99 -2.03
CA VAL A 170 10.44 17.11 -2.27
C VAL A 170 9.72 17.52 -0.99
N PRO A 171 9.73 18.83 -0.68
CA PRO A 171 9.29 19.31 0.63
C PRO A 171 7.79 19.16 0.86
N ASP A 172 7.04 19.01 -0.23
CA ASP A 172 5.59 18.95 -0.15
C ASP A 172 5.04 17.53 -0.08
N CYS A 173 5.93 16.55 0.03
CA CYS A 173 5.50 15.15 0.11
C CYS A 173 4.72 14.89 1.40
N PRO A 174 3.46 14.43 1.25
CA PRO A 174 2.51 14.32 2.36
C PRO A 174 2.90 13.26 3.37
N GLU A 175 3.71 12.29 2.92
CA GLU A 175 4.19 11.19 3.75
C GLU A 175 5.30 11.67 4.70
N LEU A 176 5.79 12.88 4.46
CA LEU A 176 6.78 13.53 5.32
C LEU A 176 6.10 14.24 6.49
N GLN A 177 4.81 14.54 6.33
CA GLN A 177 3.99 15.11 7.39
C GLN A 177 3.53 13.98 8.34
N GLY A 178 3.51 14.26 9.62
CA GLY A 178 3.17 13.22 10.59
C GLY A 178 4.29 13.02 11.59
N ASN A 179 4.44 11.79 12.07
CA ASN A 179 5.45 11.47 13.07
C ASN A 179 6.89 11.67 12.59
N LEU A 180 7.08 11.64 11.27
CA LEU A 180 8.40 11.87 10.68
C LEU A 180 8.73 13.35 10.57
N SER A 181 7.71 14.20 10.51
CA SER A 181 7.92 15.64 10.64
C SER A 181 8.18 16.01 12.09
N GLN A 182 7.43 15.40 13.01
CA GLN A 182 7.64 15.59 14.44
C GLN A 182 9.07 15.22 14.82
N PHE A 183 9.59 14.18 14.17
CA PHE A 183 10.92 13.68 14.46
C PHE A 183 12.01 14.68 14.06
N LEU A 184 11.88 15.24 12.87
CA LEU A 184 12.83 16.25 12.38
C LEU A 184 12.95 17.47 13.31
N GLN A 185 11.80 18.02 13.71
CA GLN A 185 11.74 19.15 14.64
C GLN A 185 12.37 18.83 15.99
N ARG A 186 12.00 17.67 16.54
CA ARG A 186 12.46 17.25 17.87
C ARG A 186 13.97 17.23 17.91
N PHE A 187 14.56 16.74 16.83
CA PHE A 187 16.01 16.64 16.75
C PHE A 187 16.61 18.02 16.64
N GLU A 188 15.99 18.88 15.85
CA GLU A 188 16.49 20.22 15.66
C GLU A 188 16.29 21.09 16.90
N ALA A 189 15.41 20.65 17.78
CA ALA A 189 15.13 21.38 19.02
C ALA A 189 16.10 21.01 20.13
N LEU A 190 16.93 19.99 19.89
CA LEU A 190 17.94 19.58 20.86
C LEU A 190 18.88 20.74 21.12
N GLU A 191 19.23 20.97 22.39
CA GLU A 191 19.90 22.20 22.79
C GLU A 191 21.20 22.49 22.04
N LYS A 192 22.07 21.48 21.92
CA LYS A 192 23.38 21.65 21.27
C LYS A 192 23.30 21.55 19.74
N ILE A 193 22.26 20.91 19.22
CA ILE A 193 22.01 20.84 17.78
C ILE A 193 21.52 22.20 17.28
N SER A 194 20.52 22.74 17.96
CA SER A 194 19.93 24.03 17.64
C SER A 194 20.96 25.14 17.61
N ALA A 195 21.81 25.18 18.63
CA ALA A 195 22.90 26.16 18.72
C ALA A 195 23.87 26.03 17.56
N TYR A 196 24.18 24.80 17.16
CA TYR A 196 25.10 24.55 16.06
C TYR A 196 24.47 25.03 14.74
N MET A 197 23.15 24.99 14.65
CA MET A 197 22.42 25.41 13.46
C MET A 197 22.31 26.92 13.39
N ARG A 198 22.34 27.57 14.55
CA ARG A 198 22.27 29.03 14.61
C ARG A 198 23.67 29.64 14.47
N SER A 199 24.68 28.78 14.34
CA SER A 199 26.07 29.25 14.16
C SER A 199 26.49 29.30 12.68
N GLY A 200 27.76 29.61 12.47
CA GLY A 200 28.30 29.69 11.12
C GLY A 200 29.19 28.52 10.76
N ARG A 201 29.23 27.51 11.62
CA ARG A 201 29.92 26.25 11.31
C ARG A 201 29.03 25.39 10.42
N PHE A 202 27.75 25.76 10.36
CA PHE A 202 26.71 24.88 9.85
C PHE A 202 26.62 24.84 8.32
N MET A 203 26.61 23.61 7.81
CA MET A 203 26.62 23.38 6.37
C MET A 203 25.35 22.66 5.94
N LYS A 204 24.34 23.41 5.54
CA LYS A 204 23.11 22.84 5.02
C LYS A 204 23.24 22.47 3.54
N ALA A 205 24.37 22.83 2.93
CA ALA A 205 24.56 22.69 1.48
C ALA A 205 26.04 22.79 1.09
N PRO A 206 26.44 22.20 -0.05
CA PRO A 206 25.69 21.27 -0.88
C PRO A 206 25.72 19.84 -0.34
N ILE A 207 24.63 19.10 -0.55
CA ILE A 207 24.54 17.72 -0.12
C ILE A 207 25.49 16.85 -0.97
N PHE A 208 25.61 17.20 -2.25
CA PHE A 208 26.32 16.36 -3.22
C PHE A 208 27.57 17.05 -3.76
N TRP A 209 28.44 16.24 -4.36
CA TRP A 209 29.58 16.74 -5.13
C TRP A 209 29.08 17.58 -6.31
N TYR A 210 29.78 18.48 -6.83
CA TYR A 210 29.40 19.48 -7.83
C TYR A 210 29.04 18.88 -9.18
N THR A 211 29.57 17.62 -9.33
CA THR A 211 29.27 16.89 -10.57
C THR A 211 27.83 16.40 -10.61
N ALA A 212 27.06 16.73 -9.57
CA ALA A 212 25.71 16.25 -9.44
C ALA A 212 24.70 17.08 -10.24
N LEU A 213 23.68 16.40 -10.75
CA LEU A 213 22.59 17.02 -11.52
C LEU A 213 21.62 17.77 -10.60
N TRP A 214 21.57 17.37 -9.34
CA TRP A 214 20.74 18.06 -8.36
C TRP A 214 21.54 18.45 -7.12
N ASN A 215 21.21 19.61 -6.56
CA ASN A 215 21.78 20.08 -5.29
C ASN A 215 20.91 21.18 -4.72
N ASN A 216 21.24 21.64 -3.51
CA ASN A 216 20.49 22.73 -2.89
C ASN A 216 21.32 24.01 -2.79
N LYS A 217 22.62 23.89 -3.04
CA LYS A 217 23.50 25.04 -3.22
C LYS A 217 24.70 24.64 -4.10
N VAL B 1 14.60 -23.53 15.25
CA VAL B 1 14.93 -23.53 13.79
C VAL B 1 14.62 -22.19 13.14
N VAL B 2 15.56 -21.72 12.32
CA VAL B 2 15.45 -20.41 11.67
C VAL B 2 15.30 -20.53 10.15
N THR B 3 14.80 -19.46 9.53
CA THR B 3 14.53 -19.45 8.10
C THR B 3 15.32 -18.34 7.43
N LEU B 4 16.08 -18.70 6.39
CA LEU B 4 16.85 -17.74 5.62
C LEU B 4 16.20 -17.56 4.26
N GLY B 5 15.78 -16.34 3.96
CA GLY B 5 15.16 -16.06 2.68
C GLY B 5 16.07 -15.30 1.75
N TYR B 6 16.32 -15.87 0.57
CA TYR B 6 17.10 -15.20 -0.47
C TYR B 6 16.79 -15.85 -1.82
N TRP B 7 17.35 -15.30 -2.90
CA TRP B 7 17.26 -15.91 -4.22
C TRP B 7 18.02 -17.23 -4.29
N ASP B 8 17.81 -17.98 -5.38
CA ASP B 8 18.59 -19.20 -5.61
C ASP B 8 19.93 -18.85 -6.28
N ILE B 9 20.60 -17.82 -5.75
CA ILE B 9 21.95 -17.47 -6.19
C ILE B 9 22.85 -17.31 -4.98
N ARG B 10 24.16 -17.21 -5.22
CA ARG B 10 25.13 -16.98 -4.14
C ARG B 10 24.95 -15.59 -3.52
N GLY B 11 25.30 -14.54 -4.28
CA GLY B 11 25.09 -13.18 -3.84
C GLY B 11 25.49 -12.83 -2.41
N LEU B 12 24.59 -12.14 -1.72
CA LEU B 12 24.83 -11.57 -0.39
C LEU B 12 24.72 -12.58 0.74
N ALA B 13 24.03 -13.68 0.47
CA ALA B 13 23.70 -14.64 1.51
C ALA B 13 24.78 -15.69 1.70
N HIS B 14 25.86 -15.60 0.94
CA HIS B 14 26.90 -16.61 0.97
C HIS B 14 27.61 -16.64 2.33
N ALA B 15 27.96 -15.47 2.85
CA ALA B 15 28.63 -15.39 4.15
C ALA B 15 27.69 -15.75 5.30
N ILE B 16 26.38 -15.49 5.11
CA ILE B 16 25.38 -15.84 6.10
C ILE B 16 25.20 -17.35 6.18
N ARG B 17 25.24 -18.00 5.02
CA ARG B 17 25.09 -19.44 4.94
C ARG B 17 26.25 -20.14 5.60
N LEU B 18 27.46 -19.69 5.30
CA LEU B 18 28.68 -20.21 5.94
C LEU B 18 28.68 -20.00 7.46
N LEU B 19 28.08 -18.91 7.92
CA LEU B 19 28.09 -18.55 9.34
C LEU B 19 27.13 -19.43 10.11
N LEU B 20 25.95 -19.62 9.51
CA LEU B 20 24.94 -20.49 10.08
C LEU B 20 25.44 -21.93 10.18
N GLU B 21 26.26 -22.33 9.22
CA GLU B 21 26.85 -23.66 9.24
C GLU B 21 27.95 -23.78 10.29
N TYR B 22 28.81 -22.78 10.36
CA TYR B 22 29.91 -22.75 11.32
C TYR B 22 29.40 -22.76 12.76
N THR B 23 28.31 -22.03 13.00
CA THR B 23 27.75 -21.94 14.35
C THR B 23 26.81 -23.08 14.68
N GLU B 24 26.59 -23.97 13.72
CA GLU B 24 25.69 -25.11 13.89
C GLU B 24 24.26 -24.70 14.26
N THR B 25 23.85 -23.53 13.80
CA THR B 25 22.48 -23.06 13.96
C THR B 25 21.55 -23.86 13.04
N PRO B 26 20.52 -24.51 13.61
CA PRO B 26 19.50 -25.21 12.81
C PRO B 26 18.75 -24.24 11.91
N TYR B 27 18.89 -24.43 10.61
CA TYR B 27 18.24 -23.55 9.64
C TYR B 27 17.66 -24.30 8.43
N GLN B 28 16.67 -23.69 7.80
CA GLN B 28 16.26 -24.10 6.47
C GLN B 28 16.19 -22.87 5.58
N GLU B 29 15.95 -23.06 4.28
CA GLU B 29 16.06 -21.98 3.32
C GLU B 29 14.83 -21.79 2.45
N ARG B 30 14.37 -20.55 2.37
CA ARG B 30 13.37 -20.15 1.38
C ARG B 30 14.06 -19.52 0.18
N ARG B 31 14.45 -20.36 -0.77
CA ARG B 31 15.08 -19.91 -2.00
C ARG B 31 14.02 -19.43 -3.01
N TYR B 32 14.17 -18.19 -3.47
CA TYR B 32 13.23 -17.62 -4.42
C TYR B 32 13.69 -17.80 -5.85
N LYS B 33 12.71 -17.81 -6.75
CA LYS B 33 12.92 -18.19 -8.13
C LYS B 33 12.43 -17.08 -9.07
N ALA B 34 13.25 -16.79 -10.07
CA ALA B 34 12.86 -15.86 -11.12
C ALA B 34 12.19 -16.63 -12.25
N GLY B 35 11.40 -15.92 -13.06
CA GLY B 35 10.89 -16.53 -14.29
C GLY B 35 12.01 -16.73 -15.30
N PRO B 36 11.71 -17.31 -16.48
CA PRO B 36 12.74 -17.60 -17.49
C PRO B 36 13.23 -16.33 -18.22
N ALA B 37 14.26 -16.48 -19.04
CA ALA B 37 14.83 -15.35 -19.78
C ALA B 37 13.94 -14.93 -20.95
N PRO B 38 13.92 -13.62 -21.28
CA PRO B 38 14.77 -12.58 -20.70
C PRO B 38 14.05 -11.82 -19.59
N ASP B 39 12.77 -12.13 -19.39
CA ASP B 39 11.94 -11.36 -18.48
C ASP B 39 12.38 -11.49 -17.03
N PHE B 40 12.71 -12.71 -16.62
CA PHE B 40 13.12 -12.99 -15.24
C PHE B 40 12.10 -12.55 -14.19
N ASP B 41 10.93 -13.21 -14.22
CA ASP B 41 9.81 -12.78 -13.40
C ASP B 41 10.06 -12.96 -11.91
N PRO B 42 10.15 -11.83 -11.18
CA PRO B 42 10.35 -11.78 -9.73
C PRO B 42 9.12 -12.13 -8.87
N SER B 43 8.09 -12.65 -9.51
CA SER B 43 6.79 -12.97 -8.88
C SER B 43 6.86 -13.72 -7.55
N ASP B 44 7.69 -14.75 -7.53
CA ASP B 44 7.84 -15.63 -6.38
C ASP B 44 8.03 -14.82 -5.09
N TRP B 45 8.87 -13.79 -5.19
CA TRP B 45 9.20 -12.93 -4.06
C TRP B 45 8.17 -11.83 -3.88
N THR B 46 7.86 -11.12 -4.96
CA THR B 46 7.01 -9.93 -4.91
C THR B 46 5.59 -10.17 -4.37
N ASN B 47 5.09 -11.40 -4.54
CA ASN B 47 3.76 -11.77 -4.02
C ASN B 47 3.77 -12.11 -2.53
N GLU B 48 4.92 -11.92 -1.90
CA GLU B 48 5.14 -12.39 -0.54
C GLU B 48 5.89 -11.32 0.27
N LYS B 49 6.46 -10.36 -0.46
CA LYS B 49 7.25 -9.26 0.11
C LYS B 49 6.65 -8.67 1.39
N GLU B 50 5.33 -8.50 1.39
CA GLU B 50 4.63 -7.71 2.41
C GLU B 50 3.96 -8.54 3.49
N LYS B 51 3.78 -9.83 3.22
CA LYS B 51 3.03 -10.72 4.10
C LYS B 51 3.89 -11.44 5.15
N LEU B 52 5.17 -11.08 5.18
CA LEU B 52 6.11 -11.76 6.06
C LEU B 52 6.25 -11.10 7.42
N GLY B 53 5.82 -9.84 7.50
CA GLY B 53 5.88 -9.13 8.77
C GLY B 53 7.21 -8.43 9.01
N LEU B 54 8.03 -8.30 7.96
CA LEU B 54 9.31 -7.61 8.05
C LEU B 54 9.09 -6.11 8.14
N ASP B 55 9.93 -5.45 8.93
CA ASP B 55 9.84 -4.01 9.12
C ASP B 55 10.20 -3.25 7.85
N PHE B 56 11.30 -3.64 7.22
CA PHE B 56 11.70 -3.09 5.93
C PHE B 56 12.04 -4.23 4.96
N PRO B 57 11.00 -4.78 4.29
CA PRO B 57 11.12 -6.01 3.50
C PRO B 57 12.24 -5.95 2.48
N ASN B 58 13.07 -7.00 2.46
CA ASN B 58 14.23 -7.07 1.57
C ASN B 58 14.79 -8.49 1.54
N LEU B 59 15.80 -8.71 0.70
CA LEU B 59 16.49 -10.00 0.61
C LEU B 59 18.01 -9.81 0.73
N PRO B 60 18.66 -10.53 1.67
CA PRO B 60 18.12 -11.62 2.48
C PRO B 60 17.32 -11.18 3.71
N TYR B 61 16.50 -12.10 4.21
CA TYR B 61 15.88 -11.94 5.50
C TYR B 61 16.17 -13.17 6.34
N LEU B 62 16.09 -13.03 7.65
CA LEU B 62 16.19 -14.17 8.56
C LEU B 62 15.04 -14.11 9.56
N ILE B 63 14.43 -15.25 9.81
CA ILE B 63 13.39 -15.32 10.82
C ILE B 63 13.78 -16.31 11.88
N ASP B 64 13.84 -15.84 13.12
CA ASP B 64 14.23 -16.64 14.28
C ASP B 64 13.15 -16.49 15.35
N GLY B 65 12.00 -17.10 15.10
CA GLY B 65 10.86 -16.91 15.98
C GLY B 65 10.19 -15.58 15.71
N ASP B 66 10.24 -14.68 16.69
CA ASP B 66 9.64 -13.36 16.59
C ASP B 66 10.68 -12.30 16.22
N VAL B 67 11.94 -12.73 16.17
CA VAL B 67 13.03 -11.94 15.60
C VAL B 67 12.93 -12.03 14.07
N LYS B 68 12.65 -10.90 13.42
CA LYS B 68 12.49 -10.85 11.97
C LYS B 68 13.34 -9.75 11.35
N LEU B 69 14.41 -10.16 10.68
CA LEU B 69 15.48 -9.24 10.26
C LEU B 69 15.62 -9.12 8.75
N THR B 70 16.03 -7.92 8.31
CA THR B 70 16.54 -7.71 6.96
C THR B 70 17.92 -7.06 7.04
N GLN B 71 18.58 -6.90 5.90
CA GLN B 71 19.96 -6.38 5.82
C GLN B 71 21.00 -7.43 6.20
N SER B 72 21.89 -7.73 5.25
CA SER B 72 22.88 -8.79 5.40
C SER B 72 23.80 -8.55 6.60
N ASN B 73 24.32 -7.34 6.73
CA ASN B 73 25.20 -6.99 7.85
C ASN B 73 24.50 -7.18 9.19
N ALA B 74 23.28 -6.68 9.27
CA ALA B 74 22.45 -6.80 10.47
C ALA B 74 22.15 -8.26 10.83
N ILE B 75 21.94 -9.09 9.82
CA ILE B 75 21.69 -10.52 10.04
C ILE B 75 22.94 -11.23 10.59
N LEU B 76 24.10 -10.92 10.00
CA LEU B 76 25.36 -11.49 10.46
C LEU B 76 25.71 -11.07 11.89
N ARG B 77 25.47 -9.80 12.22
CA ARG B 77 25.75 -9.31 13.56
C ARG B 77 24.88 -10.02 14.58
N TYR B 78 23.67 -10.38 14.18
CA TYR B 78 22.73 -11.01 15.10
C TYR B 78 23.18 -12.42 15.48
N ILE B 79 23.56 -13.21 14.47
CA ILE B 79 24.11 -14.52 14.72
C ILE B 79 25.42 -14.43 15.49
N ALA B 80 26.25 -13.45 15.16
CA ALA B 80 27.54 -13.27 15.82
C ALA B 80 27.40 -12.95 17.30
N ARG B 81 26.39 -12.16 17.67
CA ARG B 81 26.15 -11.82 19.06
C ARG B 81 25.78 -13.04 19.91
N LYS B 82 24.98 -13.93 19.33
CA LYS B 82 24.57 -15.17 20.03
C LYS B 82 25.73 -16.16 20.19
N HIS B 83 26.85 -15.89 19.53
CA HIS B 83 27.98 -16.80 19.53
C HIS B 83 29.31 -16.11 19.81
N ASN B 84 29.26 -14.88 20.33
CA ASN B 84 30.45 -14.18 20.80
C ASN B 84 31.48 -13.94 19.70
N MET B 85 31.00 -13.77 18.47
CA MET B 85 31.89 -13.60 17.34
C MET B 85 31.95 -12.16 16.88
N CYS B 86 31.62 -11.26 17.80
CA CYS B 86 31.84 -9.83 17.61
C CYS B 86 33.17 -9.45 18.27
N GLY B 87 33.53 -8.17 18.19
CA GLY B 87 34.69 -7.70 18.91
C GLY B 87 34.50 -7.80 20.41
N GLU B 88 35.61 -7.84 21.15
CA GLU B 88 35.57 -7.90 22.61
C GLU B 88 36.11 -6.60 23.22
N THR B 89 37.32 -6.20 22.83
CA THR B 89 37.89 -4.94 23.27
C THR B 89 37.56 -3.82 22.27
N GLU B 90 37.82 -2.56 22.61
CA GLU B 90 37.40 -1.48 21.73
C GLU B 90 38.20 -1.47 20.44
N VAL B 91 39.44 -1.93 20.50
CA VAL B 91 40.25 -1.93 19.31
C VAL B 91 39.72 -2.99 18.36
N GLU B 92 39.24 -4.08 18.93
CA GLU B 92 38.63 -5.15 18.14
C GLU B 92 37.32 -4.70 17.51
N LYS B 93 36.55 -3.91 18.25
CA LYS B 93 35.32 -3.32 17.73
C LYS B 93 35.60 -2.34 16.59
N GLN B 94 36.64 -1.54 16.74
CA GLN B 94 37.06 -0.58 15.70
C GLN B 94 37.41 -1.32 14.41
N ARG B 95 38.02 -2.48 14.54
CA ARG B 95 38.46 -3.28 13.41
C ARG B 95 37.27 -3.90 12.68
N VAL B 96 36.30 -4.39 13.45
CA VAL B 96 35.07 -4.96 12.90
C VAL B 96 34.28 -3.92 12.09
N ASP B 97 34.06 -2.75 12.68
CA ASP B 97 33.24 -1.73 12.06
C ASP B 97 33.85 -1.20 10.77
N VAL B 98 35.16 -1.03 10.75
CA VAL B 98 35.85 -0.49 9.58
C VAL B 98 35.83 -1.51 8.45
N LEU B 99 36.14 -2.75 8.78
CA LEU B 99 36.23 -3.82 7.80
C LEU B 99 34.87 -4.19 7.23
N GLU B 100 33.85 -4.15 8.09
CA GLU B 100 32.48 -4.45 7.71
C GLU B 100 32.04 -3.50 6.61
N ASN B 101 32.43 -2.24 6.74
CA ASN B 101 32.01 -1.17 5.84
C ASN B 101 32.90 -1.07 4.60
N HIS B 102 34.18 -1.32 4.79
CA HIS B 102 35.14 -1.30 3.70
C HIS B 102 34.89 -2.45 2.72
N LEU B 103 34.67 -3.65 3.26
CA LEU B 103 34.37 -4.81 2.42
C LEU B 103 33.09 -4.64 1.61
N MET B 104 32.14 -3.87 2.13
CA MET B 104 30.91 -3.58 1.40
C MET B 104 31.22 -2.68 0.23
N ASP B 105 32.14 -1.74 0.43
CA ASP B 105 32.62 -0.87 -0.65
C ASP B 105 33.24 -1.71 -1.78
N LEU B 106 34.09 -2.65 -1.42
CA LEU B 106 34.77 -3.50 -2.38
C LEU B 106 33.80 -4.48 -3.13
N ARG B 107 32.96 -5.12 -2.32
CA ARG B 107 31.74 -5.80 -2.75
C ARG B 107 31.01 -5.06 -3.87
N MET B 108 30.63 -3.82 -3.54
CA MET B 108 29.68 -2.95 -4.31
C MET B 108 30.37 -2.48 -5.58
N ALA B 109 31.67 -2.19 -5.49
CA ALA B 109 32.46 -1.74 -6.63
C ALA B 109 32.60 -2.83 -7.70
N PHE B 110 32.76 -4.07 -7.24
CA PHE B 110 32.82 -5.21 -8.14
C PHE B 110 31.47 -5.50 -8.81
N ALA B 111 30.40 -5.43 -8.03
CA ALA B 111 29.06 -5.69 -8.56
C ALA B 111 28.68 -4.70 -9.65
N ARG B 112 28.96 -3.41 -9.40
CA ARG B 112 28.76 -2.36 -10.39
C ARG B 112 29.35 -2.72 -11.74
N LEU B 113 30.61 -3.14 -11.72
CA LEU B 113 31.32 -3.49 -12.95
C LEU B 113 30.68 -4.67 -13.69
N CYS B 114 30.37 -5.74 -12.96
CA CYS B 114 29.84 -6.95 -13.57
C CYS B 114 28.39 -6.82 -13.99
N TYR B 115 27.71 -5.78 -13.53
CA TYR B 115 26.35 -5.52 -13.95
C TYR B 115 26.27 -4.52 -15.10
N SER B 116 27.32 -3.73 -15.29
CA SER B 116 27.31 -2.69 -16.32
C SER B 116 27.54 -3.28 -17.71
N PRO B 117 26.71 -2.84 -18.69
CA PRO B 117 26.85 -3.26 -20.09
C PRO B 117 28.17 -2.80 -20.74
N ASP B 118 28.73 -1.73 -20.19
CA ASP B 118 30.06 -1.28 -20.59
C ASP B 118 31.16 -2.10 -19.90
N PHE B 119 30.81 -3.34 -19.55
CA PHE B 119 31.68 -4.22 -18.76
C PHE B 119 33.09 -4.27 -19.33
N GLU B 120 33.19 -4.58 -20.63
CA GLU B 120 34.48 -4.79 -21.29
C GLU B 120 35.34 -3.53 -21.29
N LYS B 121 34.70 -2.37 -21.43
CA LYS B 121 35.40 -1.09 -21.42
C LYS B 121 35.91 -0.71 -20.02
N LEU B 122 35.22 -1.20 -18.99
CA LEU B 122 35.53 -0.88 -17.61
C LEU B 122 36.52 -1.85 -16.97
N LYS B 123 36.62 -3.05 -17.54
CA LYS B 123 37.43 -4.14 -17.01
C LYS B 123 38.89 -3.75 -16.73
N PRO B 124 39.59 -3.15 -17.71
CA PRO B 124 41.01 -2.83 -17.50
C PRO B 124 41.26 -1.84 -16.36
N ALA B 125 40.36 -0.86 -16.22
CA ALA B 125 40.48 0.16 -15.17
C ALA B 125 40.39 -0.46 -13.77
N TYR B 126 39.41 -1.34 -13.59
CA TYR B 126 39.23 -2.08 -12.34
C TYR B 126 40.49 -2.88 -11.97
N LEU B 127 41.06 -3.54 -12.98
CA LEU B 127 42.19 -4.44 -12.79
C LEU B 127 43.47 -3.71 -12.43
N GLU B 128 43.49 -2.40 -12.68
CA GLU B 128 44.62 -1.56 -12.32
C GLU B 128 44.61 -1.23 -10.84
N LEU B 129 43.46 -0.77 -10.35
CA LEU B 129 43.37 -0.33 -8.97
C LEU B 129 43.14 -1.50 -8.01
N LEU B 130 43.02 -2.71 -8.56
CA LEU B 130 42.74 -3.91 -7.79
C LEU B 130 43.92 -4.35 -6.91
N PRO B 131 45.10 -4.53 -7.50
CA PRO B 131 46.26 -4.97 -6.72
C PRO B 131 46.55 -4.09 -5.50
N GLY B 132 46.29 -2.79 -5.64
CA GLY B 132 46.50 -1.85 -4.54
C GLY B 132 45.53 -2.05 -3.40
N LYS B 133 44.28 -2.34 -3.75
CA LYS B 133 43.24 -2.64 -2.78
C LYS B 133 43.56 -3.92 -2.05
N LEU B 134 44.09 -4.89 -2.79
CA LEU B 134 44.48 -6.16 -2.22
C LEU B 134 45.70 -6.04 -1.31
N ARG B 135 46.60 -5.12 -1.66
CA ARG B 135 47.81 -4.88 -0.88
C ARG B 135 47.48 -4.24 0.46
N GLN B 136 46.42 -3.43 0.47
CA GLN B 136 45.94 -2.79 1.69
C GLN B 136 45.47 -3.82 2.70
N LEU B 137 44.65 -4.76 2.23
CA LEU B 137 44.12 -5.85 3.04
C LEU B 137 45.22 -6.79 3.53
N SER B 138 46.21 -7.03 2.68
CA SER B 138 47.38 -7.82 3.07
C SER B 138 48.19 -7.15 4.18
N ARG B 139 48.28 -5.82 4.14
CA ARG B 139 48.96 -5.04 5.16
C ARG B 139 48.21 -5.11 6.49
N PHE B 140 46.88 -4.98 6.42
CA PHE B 140 46.01 -5.01 7.59
C PHE B 140 46.09 -6.33 8.37
N LEU B 141 45.84 -7.44 7.69
CA LEU B 141 45.93 -8.77 8.28
C LEU B 141 47.29 -9.00 8.92
N GLY B 142 48.36 -8.72 8.17
CA GLY B 142 49.70 -8.91 8.68
C GLY B 142 50.00 -10.38 8.92
N SER B 143 50.65 -10.67 10.05
CA SER B 143 50.94 -12.06 10.40
C SER B 143 49.87 -12.65 11.31
N ARG B 144 48.72 -11.97 11.37
CA ARG B 144 47.58 -12.41 12.17
C ARG B 144 46.91 -13.68 11.62
N SER B 145 46.32 -14.46 12.53
CA SER B 145 45.52 -15.63 12.16
C SER B 145 44.24 -15.14 11.48
N TRP B 146 43.49 -14.31 12.20
CA TRP B 146 42.22 -13.80 11.71
C TRP B 146 42.30 -12.28 11.57
N PHE B 147 41.24 -11.68 11.03
CA PHE B 147 41.27 -10.26 10.64
C PHE B 147 41.14 -9.27 11.78
N VAL B 148 40.47 -9.67 12.86
CA VAL B 148 40.27 -8.80 14.02
C VAL B 148 41.23 -9.11 15.18
N GLY B 149 41.95 -10.24 15.07
CA GLY B 149 42.88 -10.62 16.11
C GLY B 149 43.07 -12.13 16.20
N ASP B 150 42.85 -12.67 17.40
CA ASP B 150 43.06 -14.09 17.64
C ASP B 150 41.76 -14.85 17.48
N LYS B 151 40.65 -14.12 17.62
CA LYS B 151 39.32 -14.71 17.56
C LYS B 151 38.76 -14.60 16.14
N LEU B 152 38.18 -15.69 15.65
CA LEU B 152 37.31 -15.66 14.49
C LEU B 152 36.06 -14.81 14.77
N THR B 153 35.76 -13.90 13.88
CA THR B 153 34.56 -13.08 13.96
C THR B 153 33.82 -13.11 12.63
N PHE B 154 32.64 -12.51 12.59
CA PHE B 154 31.83 -12.54 11.39
C PHE B 154 32.47 -11.78 10.22
N VAL B 155 33.40 -10.87 10.50
CA VAL B 155 34.03 -10.09 9.43
C VAL B 155 34.93 -10.98 8.59
N ASP B 156 35.41 -12.05 9.20
CA ASP B 156 36.24 -13.02 8.50
C ASP B 156 35.42 -13.73 7.44
N PHE B 157 34.13 -13.87 7.69
CA PHE B 157 33.23 -14.52 6.75
C PHE B 157 32.91 -13.61 5.58
N LEU B 158 32.91 -12.31 5.83
CA LEU B 158 32.75 -11.30 4.76
C LEU B 158 34.03 -11.18 3.95
N ALA B 159 35.16 -11.20 4.63
CA ALA B 159 36.46 -11.08 3.96
C ALA B 159 36.63 -12.23 2.99
N TYR B 160 36.32 -13.44 3.47
CA TYR B 160 36.45 -14.63 2.67
C TYR B 160 35.59 -14.56 1.41
N ASP B 161 34.32 -14.22 1.58
CA ASP B 161 33.37 -14.11 0.48
C ASP B 161 33.84 -13.10 -0.57
N VAL B 162 34.27 -11.91 -0.12
CA VAL B 162 34.76 -10.86 -1.01
C VAL B 162 36.04 -11.29 -1.75
N LEU B 163 36.95 -11.90 -1.00
CA LEU B 163 38.21 -12.40 -1.53
C LEU B 163 37.98 -13.54 -2.52
N ASP B 164 36.99 -14.37 -2.21
CA ASP B 164 36.69 -15.53 -3.04
C ASP B 164 36.15 -15.10 -4.40
N GLN B 165 35.36 -14.04 -4.42
CA GLN B 165 34.84 -13.47 -5.65
C GLN B 165 35.95 -12.89 -6.53
N GLN B 166 36.97 -12.31 -5.92
CA GLN B 166 38.09 -11.77 -6.68
C GLN B 166 38.99 -12.86 -7.20
N ARG B 167 39.11 -13.96 -6.43
CA ARG B 167 39.93 -15.10 -6.82
C ARG B 167 39.30 -15.86 -7.97
N MET B 168 37.97 -15.84 -8.01
CA MET B 168 37.19 -16.48 -9.07
C MET B 168 37.29 -15.64 -10.34
N PHE B 169 37.44 -14.33 -10.16
CA PHE B 169 37.52 -13.39 -11.28
C PHE B 169 38.89 -13.44 -11.95
N VAL B 170 39.94 -13.15 -11.20
CA VAL B 170 41.31 -13.18 -11.71
C VAL B 170 42.19 -14.03 -10.80
N PRO B 171 42.23 -15.35 -11.06
CA PRO B 171 42.82 -16.31 -10.12
C PRO B 171 44.34 -16.25 -10.12
N ASP B 172 44.89 -15.59 -11.15
CA ASP B 172 46.35 -15.52 -11.34
C ASP B 172 46.96 -14.27 -10.72
N CYS B 173 46.14 -13.40 -10.14
CA CYS B 173 46.63 -12.17 -9.56
C CYS B 173 47.61 -12.47 -8.42
N PRO B 174 48.87 -12.04 -8.60
CA PRO B 174 49.95 -12.41 -7.67
C PRO B 174 49.80 -11.78 -6.28
N GLU B 175 49.03 -10.70 -6.19
CA GLU B 175 48.75 -10.03 -4.93
C GLU B 175 47.78 -10.85 -4.09
N LEU B 176 47.23 -11.91 -4.67
CA LEU B 176 46.38 -12.83 -3.93
C LEU B 176 47.17 -13.99 -3.35
N GLN B 177 48.41 -14.16 -3.81
CA GLN B 177 49.35 -15.09 -3.18
C GLN B 177 50.00 -14.40 -2.00
N GLY B 178 50.27 -15.16 -0.95
CA GLY B 178 50.80 -14.60 0.28
C GLY B 178 49.90 -14.90 1.45
N ASN B 179 49.86 -14.01 2.43
CA ASN B 179 49.03 -14.22 3.62
C ASN B 179 47.53 -14.21 3.30
N LEU B 180 47.15 -13.57 2.20
CA LEU B 180 45.76 -13.54 1.77
C LEU B 180 45.32 -14.87 1.18
N SER B 181 46.25 -15.61 0.57
CA SER B 181 46.00 -16.99 0.17
C SER B 181 45.96 -17.91 1.41
N GLN B 182 46.88 -17.69 2.35
CA GLN B 182 46.93 -18.44 3.60
C GLN B 182 45.60 -18.37 4.30
N PHE B 183 45.00 -17.19 4.24
CA PHE B 183 43.76 -16.90 4.95
C PHE B 183 42.60 -17.70 4.35
N LEU B 184 42.50 -17.69 3.02
CA LEU B 184 41.45 -18.41 2.32
C LEU B 184 41.44 -19.90 2.64
N GLN B 185 42.62 -20.54 2.63
CA GLN B 185 42.68 -21.95 2.97
C GLN B 185 42.37 -22.21 4.43
N ARG B 186 42.88 -21.37 5.32
CA ARG B 186 42.71 -21.57 6.75
C ARG B 186 41.24 -21.53 7.12
N PHE B 187 40.48 -20.71 6.42
CA PHE B 187 39.04 -20.62 6.59
C PHE B 187 38.37 -21.88 6.04
N GLU B 188 38.83 -22.35 4.89
CA GLU B 188 38.23 -23.51 4.24
C GLU B 188 38.62 -24.80 4.96
N ALA B 189 39.64 -24.70 5.81
CA ALA B 189 40.13 -25.82 6.60
C ALA B 189 39.29 -26.05 7.84
N LEU B 190 38.51 -25.04 8.22
CA LEU B 190 37.69 -25.11 9.42
C LEU B 190 36.78 -26.33 9.33
N GLU B 191 36.65 -27.05 10.44
CA GLU B 191 35.95 -28.34 10.46
C GLU B 191 34.57 -28.28 9.81
N LYS B 192 33.73 -27.34 10.26
CA LYS B 192 32.32 -27.28 9.86
C LYS B 192 32.13 -26.66 8.49
N ILE B 193 33.11 -25.84 8.10
CA ILE B 193 33.07 -25.15 6.82
C ILE B 193 33.51 -26.10 5.69
N SER B 194 34.53 -26.90 5.97
CA SER B 194 35.03 -27.88 5.03
C SER B 194 33.97 -28.94 4.72
N ALA B 195 33.31 -29.44 5.76
CA ALA B 195 32.26 -30.43 5.61
C ALA B 195 31.04 -29.86 4.87
N TYR B 196 30.82 -28.57 5.05
CA TYR B 196 29.75 -27.87 4.33
C TYR B 196 30.05 -27.81 2.84
N MET B 197 31.33 -27.63 2.50
CA MET B 197 31.76 -27.52 1.11
C MET B 197 31.85 -28.89 0.44
N ARG B 198 31.99 -29.93 1.25
CA ARG B 198 31.99 -31.31 0.78
C ARG B 198 30.58 -31.83 0.55
N SER B 199 29.58 -31.07 0.98
CA SER B 199 28.19 -31.48 0.85
C SER B 199 27.52 -30.90 -0.41
N GLY B 200 26.22 -31.15 -0.54
CA GLY B 200 25.48 -30.71 -1.70
C GLY B 200 24.56 -29.53 -1.42
N ARG B 201 24.72 -28.94 -0.25
CA ARG B 201 24.01 -27.71 0.10
C ARG B 201 24.80 -26.50 -0.36
N PHE B 202 26.02 -26.75 -0.83
CA PHE B 202 26.98 -25.69 -1.16
C PHE B 202 26.78 -25.03 -2.52
N MET B 203 26.82 -23.70 -2.49
CA MET B 203 26.55 -22.87 -3.65
C MET B 203 27.77 -22.00 -4.00
N LYS B 204 28.65 -22.53 -4.84
CA LYS B 204 29.81 -21.79 -5.31
C LYS B 204 29.44 -20.80 -6.41
N ALA B 205 28.24 -20.95 -6.97
CA ALA B 205 27.78 -20.14 -8.10
C ALA B 205 26.26 -20.22 -8.25
N PRO B 206 25.65 -19.20 -8.88
CA PRO B 206 26.25 -17.98 -9.42
C PRO B 206 26.46 -16.90 -8.35
N ILE B 207 27.54 -16.13 -8.48
CA ILE B 207 27.77 -15.01 -7.57
C ILE B 207 26.71 -13.93 -7.80
N PHE B 208 26.40 -13.67 -9.07
CA PHE B 208 25.53 -12.55 -9.42
C PHE B 208 24.20 -12.99 -10.01
N TRP B 209 23.26 -12.05 -10.01
CA TRP B 209 21.99 -12.16 -10.72
C TRP B 209 22.21 -12.49 -12.21
N TYR B 210 21.20 -13.10 -12.82
CA TYR B 210 21.32 -13.64 -14.17
C TYR B 210 21.54 -12.58 -15.26
N THR B 211 21.20 -11.33 -14.94
CA THR B 211 21.38 -10.24 -15.91
C THR B 211 22.79 -9.66 -15.86
N ALA B 212 23.70 -10.36 -15.20
CA ALA B 212 25.09 -9.91 -15.09
C ALA B 212 25.91 -10.33 -16.31
N LEU B 213 26.85 -9.46 -16.71
CA LEU B 213 27.75 -9.73 -17.84
C LEU B 213 28.85 -10.72 -17.46
N TRP B 214 29.11 -10.88 -16.17
CA TRP B 214 30.07 -11.88 -15.70
C TRP B 214 29.47 -12.77 -14.62
N ASN B 215 29.84 -14.05 -14.66
CA ASN B 215 29.49 -15.01 -13.62
C ASN B 215 30.40 -16.23 -13.71
N ASN B 216 30.26 -17.13 -12.74
CA ASN B 216 31.05 -18.35 -12.73
C ASN B 216 30.21 -19.58 -13.06
N LYS B 217 28.90 -19.44 -12.97
CA LYS B 217 27.95 -20.43 -13.51
C LYS B 217 26.62 -19.73 -13.83
N VAL C 1 -52.71 -9.04 2.93
CA VAL C 1 -52.71 -7.70 2.28
C VAL C 1 -51.48 -6.88 2.68
N VAL C 2 -50.75 -6.36 1.72
CA VAL C 2 -49.55 -5.57 2.00
C VAL C 2 -49.73 -4.11 1.57
N THR C 3 -48.87 -3.23 2.09
CA THR C 3 -48.97 -1.80 1.82
C THR C 3 -47.65 -1.24 1.29
N LEU C 4 -47.74 -0.50 0.19
CA LEU C 4 -46.57 0.08 -0.44
C LEU C 4 -46.64 1.59 -0.30
N GLY C 5 -45.65 2.17 0.35
CA GLY C 5 -45.63 3.62 0.55
C GLY C 5 -44.61 4.29 -0.33
N TYR C 6 -45.05 5.30 -1.06
CA TYR C 6 -44.17 6.09 -1.93
C TYR C 6 -44.91 7.37 -2.33
N TRP C 7 -44.24 8.25 -3.06
CA TRP C 7 -44.90 9.43 -3.62
C TRP C 7 -45.86 9.07 -4.74
N ASP C 8 -46.63 10.07 -5.18
CA ASP C 8 -47.51 9.93 -6.34
C ASP C 8 -46.71 10.13 -7.63
N ILE C 9 -45.60 9.42 -7.75
CA ILE C 9 -44.70 9.54 -8.89
C ILE C 9 -44.24 8.13 -9.27
N ARG C 10 -43.71 7.96 -10.47
CA ARG C 10 -43.17 6.66 -10.88
C ARG C 10 -41.91 6.29 -10.10
N GLY C 11 -40.85 7.08 -10.29
CA GLY C 11 -39.62 6.92 -9.51
C GLY C 11 -39.11 5.51 -9.30
N LEU C 12 -38.72 5.23 -8.06
CA LEU C 12 -38.11 3.97 -7.65
C LEU C 12 -39.10 2.82 -7.44
N ALA C 13 -40.38 3.16 -7.29
CA ALA C 13 -41.40 2.20 -6.96
C ALA C 13 -42.01 1.53 -8.19
N HIS C 14 -41.55 1.93 -9.37
CA HIS C 14 -42.09 1.39 -10.60
C HIS C 14 -41.84 -0.11 -10.71
N ALA C 15 -40.60 -0.51 -10.46
CA ALA C 15 -40.23 -1.93 -10.55
C ALA C 15 -40.97 -2.77 -9.53
N ILE C 16 -41.24 -2.17 -8.37
CA ILE C 16 -41.86 -2.87 -7.26
C ILE C 16 -43.35 -3.07 -7.55
N ARG C 17 -43.97 -2.06 -8.15
CA ARG C 17 -45.37 -2.15 -8.54
C ARG C 17 -45.60 -3.24 -9.57
N LEU C 18 -44.77 -3.27 -10.61
CA LEU C 18 -44.83 -4.30 -11.62
C LEU C 18 -44.62 -5.71 -11.05
N LEU C 19 -43.77 -5.82 -10.04
CA LEU C 19 -43.45 -7.11 -9.44
C LEU C 19 -44.60 -7.60 -8.60
N LEU C 20 -45.17 -6.68 -7.83
CA LEU C 20 -46.36 -6.97 -7.05
C LEU C 20 -47.51 -7.48 -7.93
N GLU C 21 -47.65 -6.88 -9.10
CA GLU C 21 -48.71 -7.25 -10.04
C GLU C 21 -48.45 -8.60 -10.68
N TYR C 22 -47.21 -8.84 -11.11
CA TYR C 22 -46.84 -10.11 -11.74
C TYR C 22 -46.99 -11.29 -10.79
N THR C 23 -46.67 -11.07 -9.52
CA THR C 23 -46.73 -12.12 -8.52
C THR C 23 -48.13 -12.26 -7.93
N GLU C 24 -49.02 -11.36 -8.33
CA GLU C 24 -50.40 -11.38 -7.88
C GLU C 24 -50.51 -11.23 -6.37
N THR C 25 -49.55 -10.53 -5.77
CA THR C 25 -49.58 -10.21 -4.35
C THR C 25 -50.67 -9.17 -4.12
N PRO C 26 -51.60 -9.45 -3.19
CA PRO C 26 -52.62 -8.49 -2.78
C PRO C 26 -51.99 -7.29 -2.10
N TYR C 27 -52.15 -6.10 -2.68
CA TYR C 27 -51.57 -4.89 -2.11
C TYR C 27 -52.45 -3.65 -2.30
N GLN C 28 -52.24 -2.66 -1.43
CA GLN C 28 -52.76 -1.31 -1.65
C GLN C 28 -51.60 -0.32 -1.56
N GLU C 29 -51.87 0.96 -1.86
CA GLU C 29 -50.82 1.95 -1.93
C GLU C 29 -51.09 3.19 -1.08
N ARG C 30 -50.11 3.55 -0.24
CA ARG C 30 -50.10 4.86 0.40
C ARG C 30 -49.26 5.83 -0.42
N ARG C 31 -49.92 6.54 -1.33
CA ARG C 31 -49.25 7.52 -2.17
C ARG C 31 -49.21 8.87 -1.47
N TYR C 32 -48.01 9.43 -1.37
CA TYR C 32 -47.81 10.66 -0.63
C TYR C 32 -47.80 11.85 -1.57
N LYS C 33 -48.24 12.98 -1.04
CA LYS C 33 -48.42 14.18 -1.85
C LYS C 33 -47.58 15.34 -1.36
N ALA C 34 -47.02 16.07 -2.32
CA ALA C 34 -46.31 17.31 -2.03
C ALA C 34 -47.27 18.49 -2.13
N GLY C 35 -46.91 19.60 -1.48
CA GLY C 35 -47.64 20.83 -1.65
C GLY C 35 -47.49 21.39 -3.06
N PRO C 36 -48.24 22.44 -3.42
CA PRO C 36 -48.09 23.06 -4.74
C PRO C 36 -46.75 23.77 -4.97
N ALA C 37 -46.54 24.23 -6.20
CA ALA C 37 -45.30 24.88 -6.58
C ALA C 37 -45.22 26.33 -6.05
N PRO C 38 -44.00 26.85 -5.81
CA PRO C 38 -42.71 26.16 -5.97
C PRO C 38 -42.21 25.44 -4.71
N ASP C 39 -42.93 25.61 -3.61
CA ASP C 39 -42.53 25.06 -2.31
C ASP C 39 -42.43 23.54 -2.32
N PHE C 40 -43.47 22.89 -2.85
CA PHE C 40 -43.61 21.44 -2.84
C PHE C 40 -43.51 20.85 -1.43
N ASP C 41 -44.52 21.17 -0.61
CA ASP C 41 -44.56 20.82 0.79
C ASP C 41 -44.60 19.30 1.04
N PRO C 42 -43.54 18.76 1.66
CA PRO C 42 -43.37 17.32 1.93
C PRO C 42 -44.12 16.81 3.16
N SER C 43 -44.96 17.67 3.74
CA SER C 43 -45.53 17.42 5.06
C SER C 43 -46.35 16.15 5.20
N ASP C 44 -46.98 15.72 4.11
CA ASP C 44 -47.81 14.50 4.16
C ASP C 44 -46.97 13.30 4.60
N TRP C 45 -45.72 13.27 4.16
CA TRP C 45 -44.79 12.20 4.52
C TRP C 45 -44.09 12.49 5.85
N THR C 46 -43.52 13.69 5.98
CA THR C 46 -42.69 14.04 7.12
C THR C 46 -43.40 13.97 8.48
N ASN C 47 -44.72 14.11 8.47
CA ASN C 47 -45.54 14.00 9.68
C ASN C 47 -45.86 12.56 10.07
N GLU C 48 -45.32 11.64 9.30
CA GLU C 48 -45.66 10.22 9.40
C GLU C 48 -44.38 9.38 9.41
N LYS C 49 -43.28 9.99 8.97
CA LYS C 49 -41.98 9.33 8.80
C LYS C 49 -41.59 8.40 9.95
N GLU C 50 -41.90 8.81 11.17
CA GLU C 50 -41.39 8.18 12.39
C GLU C 50 -42.40 7.27 13.10
N LYS C 51 -43.68 7.47 12.80
CA LYS C 51 -44.76 6.75 13.47
C LYS C 51 -45.09 5.42 12.78
N LEU C 52 -44.34 5.06 11.74
CA LEU C 52 -44.59 3.83 10.95
C LEU C 52 -43.96 2.58 11.56
N GLY C 53 -42.91 2.78 12.37
CA GLY C 53 -42.22 1.65 12.99
C GLY C 53 -41.11 1.10 12.12
N LEU C 54 -40.68 1.88 11.13
CA LEU C 54 -39.59 1.48 10.24
C LEU C 54 -38.24 1.60 10.92
N ASP C 55 -37.36 0.63 10.68
CA ASP C 55 -35.99 0.64 11.22
C ASP C 55 -35.25 1.89 10.76
N PHE C 56 -35.24 2.09 9.44
CA PHE C 56 -34.59 3.26 8.84
C PHE C 56 -35.54 3.93 7.85
N PRO C 57 -36.43 4.79 8.34
CA PRO C 57 -37.53 5.33 7.53
C PRO C 57 -37.08 5.98 6.21
N ASN C 58 -37.80 5.64 5.15
CA ASN C 58 -37.50 6.12 3.82
C ASN C 58 -38.61 5.69 2.88
N LEU C 59 -38.56 6.18 1.64
CA LEU C 59 -39.53 5.82 0.61
C LEU C 59 -38.79 5.25 -0.61
N PRO C 60 -39.18 4.06 -1.08
CA PRO C 60 -40.39 3.31 -0.74
C PRO C 60 -40.27 2.53 0.55
N TYR C 61 -41.42 2.24 1.17
CA TYR C 61 -41.49 1.19 2.19
C TYR C 61 -42.53 0.14 1.81
N LEU C 62 -42.40 -1.04 2.40
CA LEU C 62 -43.41 -2.09 2.25
C LEU C 62 -43.72 -2.68 3.61
N ILE C 63 -45.01 -2.80 3.90
CA ILE C 63 -45.46 -3.46 5.12
C ILE C 63 -46.24 -4.72 4.78
N ASP C 64 -45.76 -5.85 5.28
CA ASP C 64 -46.40 -7.14 5.08
C ASP C 64 -46.61 -7.78 6.45
N GLY C 65 -47.57 -7.26 7.22
CA GLY C 65 -47.75 -7.70 8.59
C GLY C 65 -46.73 -7.06 9.53
N ASP C 66 -45.85 -7.89 10.08
CA ASP C 66 -44.82 -7.43 11.02
C ASP C 66 -43.49 -7.20 10.33
N VAL C 67 -43.40 -7.64 9.07
CA VAL C 67 -42.24 -7.34 8.23
C VAL C 67 -42.42 -5.94 7.66
N LYS C 68 -41.55 -5.04 8.08
CA LYS C 68 -41.63 -3.64 7.68
C LYS C 68 -40.29 -3.19 7.08
N LEU C 69 -40.26 -3.00 5.77
CA LEU C 69 -39.01 -2.81 5.04
C LEU C 69 -38.89 -1.45 4.36
N THR C 70 -37.65 -0.97 4.25
CA THR C 70 -37.30 0.17 3.40
C THR C 70 -36.21 -0.27 2.42
N GLN C 71 -35.84 0.61 1.51
CA GLN C 71 -34.88 0.31 0.44
C GLN C 71 -35.50 -0.50 -0.70
N SER C 72 -35.48 0.10 -1.89
CA SER C 72 -36.08 -0.49 -3.07
C SER C 72 -35.55 -1.89 -3.41
N ASN C 73 -34.23 -2.04 -3.47
CA ASN C 73 -33.63 -3.33 -3.79
C ASN C 73 -34.00 -4.38 -2.75
N ALA C 74 -34.03 -3.97 -1.49
CA ALA C 74 -34.34 -4.87 -0.38
C ALA C 74 -35.79 -5.31 -0.42
N ILE C 75 -36.66 -4.40 -0.83
CA ILE C 75 -38.09 -4.72 -0.95
C ILE C 75 -38.32 -5.70 -2.11
N LEU C 76 -37.57 -5.51 -3.20
CA LEU C 76 -37.70 -6.36 -4.37
C LEU C 76 -37.15 -7.77 -4.13
N ARG C 77 -36.10 -7.86 -3.32
CA ARG C 77 -35.53 -9.16 -2.97
C ARG C 77 -36.45 -9.96 -2.05
N TYR C 78 -37.22 -9.24 -1.23
CA TYR C 78 -38.16 -9.85 -0.31
C TYR C 78 -39.32 -10.55 -1.05
N ILE C 79 -39.91 -9.85 -2.01
CA ILE C 79 -40.98 -10.42 -2.83
C ILE C 79 -40.42 -11.54 -3.68
N ALA C 80 -39.23 -11.34 -4.22
CA ALA C 80 -38.60 -12.36 -5.06
C ALA C 80 -38.37 -13.67 -4.34
N ARG C 81 -37.98 -13.60 -3.06
CA ARG C 81 -37.71 -14.81 -2.28
C ARG C 81 -38.97 -15.63 -2.08
N LYS C 82 -40.09 -14.93 -1.87
CA LYS C 82 -41.38 -15.58 -1.62
C LYS C 82 -41.92 -16.25 -2.89
N HIS C 83 -41.33 -15.94 -4.04
CA HIS C 83 -41.79 -16.49 -5.30
C HIS C 83 -40.65 -17.08 -6.14
N ASN C 84 -39.53 -17.38 -5.49
CA ASN C 84 -38.41 -18.04 -6.14
C ASN C 84 -37.98 -17.33 -7.43
N MET C 85 -37.91 -16.01 -7.37
CA MET C 85 -37.47 -15.20 -8.50
C MET C 85 -36.12 -14.58 -8.21
N CYS C 86 -35.33 -15.25 -7.36
CA CYS C 86 -33.93 -14.94 -7.21
C CYS C 86 -33.09 -15.96 -8.00
N GLY C 87 -31.77 -15.86 -7.91
CA GLY C 87 -30.93 -16.85 -8.56
C GLY C 87 -31.08 -18.23 -7.93
N GLU C 88 -30.75 -19.26 -8.70
CA GLU C 88 -30.77 -20.64 -8.21
C GLU C 88 -29.33 -21.11 -8.01
N THR C 89 -28.57 -21.16 -9.10
CA THR C 89 -27.17 -21.59 -9.05
C THR C 89 -26.29 -20.42 -8.65
N GLU C 90 -25.00 -20.67 -8.40
CA GLU C 90 -24.09 -19.61 -8.03
C GLU C 90 -23.85 -18.63 -9.17
N VAL C 91 -23.83 -19.13 -10.40
CA VAL C 91 -23.63 -18.27 -11.56
C VAL C 91 -24.82 -17.34 -11.71
N GLU C 92 -26.02 -17.86 -11.44
CA GLU C 92 -27.23 -17.07 -11.48
C GLU C 92 -27.24 -15.97 -10.41
N LYS C 93 -26.79 -16.29 -9.20
CA LYS C 93 -26.71 -15.29 -8.14
C LYS C 93 -25.64 -14.24 -8.45
N GLN C 94 -24.54 -14.68 -9.06
CA GLN C 94 -23.49 -13.77 -9.52
C GLN C 94 -24.05 -12.73 -10.46
N ARG C 95 -24.95 -13.16 -11.34
CA ARG C 95 -25.52 -12.28 -12.35
C ARG C 95 -26.58 -11.33 -11.76
N VAL C 96 -27.34 -11.80 -10.78
CA VAL C 96 -28.30 -10.96 -10.10
C VAL C 96 -27.58 -9.85 -9.33
N ASP C 97 -26.51 -10.21 -8.63
CA ASP C 97 -25.85 -9.26 -7.75
C ASP C 97 -25.17 -8.15 -8.53
N VAL C 98 -24.59 -8.50 -9.68
CA VAL C 98 -23.87 -7.53 -10.50
C VAL C 98 -24.84 -6.58 -11.19
N LEU C 99 -25.88 -7.15 -11.77
CA LEU C 99 -26.88 -6.38 -12.46
C LEU C 99 -27.63 -5.45 -11.53
N GLU C 100 -28.04 -5.95 -10.37
CA GLU C 100 -28.74 -5.17 -9.37
C GLU C 100 -27.99 -3.87 -9.06
N ASN C 101 -26.68 -3.99 -8.91
CA ASN C 101 -25.84 -2.87 -8.53
C ASN C 101 -25.44 -2.02 -9.73
N HIS C 102 -25.25 -2.64 -10.89
CA HIS C 102 -24.93 -1.89 -12.11
C HIS C 102 -26.11 -1.04 -12.57
N LEU C 103 -27.32 -1.61 -12.52
CA LEU C 103 -28.52 -0.91 -12.94
C LEU C 103 -28.81 0.29 -12.06
N MET C 104 -28.42 0.19 -10.81
CA MET C 104 -28.56 1.31 -9.88
C MET C 104 -27.61 2.45 -10.27
N ASP C 105 -26.42 2.09 -10.73
CA ASP C 105 -25.44 3.07 -11.19
C ASP C 105 -25.98 3.81 -12.40
N LEU C 106 -26.61 3.06 -13.31
CA LEU C 106 -27.16 3.66 -14.51
C LEU C 106 -28.36 4.54 -14.18
N ARG C 107 -29.22 4.05 -13.28
CA ARG C 107 -30.37 4.84 -12.84
C ARG C 107 -29.94 6.14 -12.18
N MET C 108 -28.92 6.07 -11.34
CA MET C 108 -28.48 7.20 -10.54
C MET C 108 -27.76 8.23 -11.39
N ALA C 109 -27.06 7.75 -12.42
CA ALA C 109 -26.35 8.61 -13.36
C ALA C 109 -27.32 9.44 -14.21
N PHE C 110 -28.42 8.82 -14.61
CA PHE C 110 -29.47 9.52 -15.36
C PHE C 110 -30.19 10.56 -14.49
N ALA C 111 -30.48 10.21 -13.24
CA ALA C 111 -31.22 11.09 -12.34
C ALA C 111 -30.42 12.35 -12.01
N ARG C 112 -29.12 12.19 -11.77
CA ARG C 112 -28.26 13.35 -11.49
C ARG C 112 -28.30 14.36 -12.64
N LEU C 113 -28.32 13.85 -13.87
CA LEU C 113 -28.44 14.67 -15.07
C LEU C 113 -29.74 15.45 -15.08
N CYS C 114 -30.85 14.75 -14.93
CA CYS C 114 -32.17 15.34 -15.06
C CYS C 114 -32.57 16.21 -13.86
N TYR C 115 -31.79 16.13 -12.79
CA TYR C 115 -32.01 16.96 -11.61
C TYR C 115 -31.15 18.21 -11.63
N SER C 116 -30.04 18.15 -12.37
CA SER C 116 -29.06 19.23 -12.46
C SER C 116 -29.53 20.43 -13.29
N PRO C 117 -29.36 21.65 -12.74
CA PRO C 117 -29.76 22.87 -13.45
C PRO C 117 -28.90 23.10 -14.69
N ASP C 118 -27.70 22.52 -14.68
CA ASP C 118 -26.80 22.51 -15.83
C ASP C 118 -27.24 21.49 -16.88
N PHE C 119 -28.51 21.06 -16.79
CA PHE C 119 -29.01 19.95 -17.59
C PHE C 119 -28.59 20.04 -19.05
N GLU C 120 -28.86 21.20 -19.67
CA GLU C 120 -28.64 21.40 -21.10
C GLU C 120 -27.16 21.27 -21.47
N LYS C 121 -26.30 21.76 -20.58
CA LYS C 121 -24.85 21.74 -20.74
C LYS C 121 -24.30 20.29 -20.67
N LEU C 122 -24.98 19.46 -19.89
CA LEU C 122 -24.55 18.09 -19.61
C LEU C 122 -25.15 17.05 -20.57
N LYS C 123 -26.27 17.38 -21.21
CA LYS C 123 -26.98 16.44 -22.07
C LYS C 123 -26.06 15.79 -23.11
N PRO C 124 -25.30 16.60 -23.89
CA PRO C 124 -24.47 16.01 -24.96
C PRO C 124 -23.46 14.97 -24.47
N ALA C 125 -22.83 15.25 -23.33
CA ALA C 125 -21.86 14.33 -22.73
C ALA C 125 -22.48 13.00 -22.39
N TYR C 126 -23.67 13.04 -21.79
CA TYR C 126 -24.40 11.83 -21.42
C TYR C 126 -24.72 10.99 -22.65
N LEU C 127 -25.15 11.64 -23.72
CA LEU C 127 -25.59 10.93 -24.92
C LEU C 127 -24.46 10.31 -25.72
N GLU C 128 -23.23 10.71 -25.43
CA GLU C 128 -22.06 10.11 -26.07
C GLU C 128 -21.72 8.79 -25.41
N LEU C 129 -21.72 8.79 -24.08
CA LEU C 129 -21.37 7.62 -23.28
C LEU C 129 -22.47 6.58 -23.30
N LEU C 130 -23.67 7.00 -23.69
CA LEU C 130 -24.86 6.18 -23.56
C LEU C 130 -24.87 4.92 -24.46
N PRO C 131 -24.60 5.09 -25.78
CA PRO C 131 -24.61 3.92 -26.68
C PRO C 131 -23.70 2.78 -26.23
N GLY C 132 -22.56 3.15 -25.63
CA GLY C 132 -21.61 2.17 -25.14
C GLY C 132 -22.15 1.42 -23.95
N LYS C 133 -22.81 2.13 -23.04
CA LYS C 133 -23.49 1.49 -21.91
C LYS C 133 -24.55 0.51 -22.41
N LEU C 134 -25.31 0.93 -23.40
CA LEU C 134 -26.35 0.11 -24.02
C LEU C 134 -25.79 -1.14 -24.69
N ARG C 135 -24.64 -1.01 -25.34
CA ARG C 135 -24.05 -2.15 -26.03
C ARG C 135 -23.46 -3.17 -25.07
N GLN C 136 -23.12 -2.74 -23.85
CA GLN C 136 -22.65 -3.66 -22.82
C GLN C 136 -23.76 -4.56 -22.31
N LEU C 137 -24.92 -3.97 -22.07
CA LEU C 137 -26.13 -4.72 -21.72
C LEU C 137 -26.60 -5.65 -22.83
N SER C 138 -26.48 -5.20 -24.08
CA SER C 138 -26.86 -6.01 -25.22
C SER C 138 -25.95 -7.23 -25.31
N ARG C 139 -24.66 -7.03 -25.04
CA ARG C 139 -23.65 -8.10 -25.01
C ARG C 139 -24.01 -9.13 -23.93
N PHE C 140 -24.30 -8.62 -22.74
CA PHE C 140 -24.61 -9.42 -21.56
C PHE C 140 -25.81 -10.35 -21.76
N LEU C 141 -26.96 -9.77 -22.12
CA LEU C 141 -28.19 -10.52 -22.41
C LEU C 141 -27.96 -11.57 -23.48
N GLY C 142 -27.36 -11.16 -24.60
CA GLY C 142 -27.10 -12.07 -25.70
C GLY C 142 -28.36 -12.60 -26.31
N SER C 143 -28.37 -13.91 -26.59
CA SER C 143 -29.51 -14.57 -27.21
C SER C 143 -30.45 -15.16 -26.17
N ARG C 144 -30.23 -14.76 -24.92
CA ARG C 144 -31.02 -15.21 -23.77
C ARG C 144 -32.45 -14.67 -23.85
N SER C 145 -33.37 -15.36 -23.16
CA SER C 145 -34.73 -14.87 -23.03
C SER C 145 -34.76 -13.80 -21.95
N TRP C 146 -34.18 -14.12 -20.79
CA TRP C 146 -34.11 -13.20 -19.66
C TRP C 146 -32.69 -12.90 -19.26
N PHE C 147 -32.53 -11.98 -18.31
CA PHE C 147 -31.22 -11.42 -17.99
C PHE C 147 -30.31 -12.36 -17.21
N VAL C 148 -30.89 -13.22 -16.40
CA VAL C 148 -30.10 -14.07 -15.56
C VAL C 148 -30.14 -15.53 -16.01
N GLY C 149 -30.94 -15.79 -17.05
CA GLY C 149 -30.97 -17.12 -17.64
C GLY C 149 -32.30 -17.45 -18.27
N ASP C 150 -32.86 -18.59 -17.89
CA ASP C 150 -34.11 -19.05 -18.47
C ASP C 150 -35.29 -18.61 -17.62
N LYS C 151 -35.03 -18.29 -16.36
CA LYS C 151 -36.07 -17.87 -15.46
C LYS C 151 -36.11 -16.36 -15.30
N LEU C 152 -37.33 -15.82 -15.28
CA LEU C 152 -37.59 -14.43 -14.92
C LEU C 152 -37.19 -14.21 -13.45
N THR C 153 -36.42 -13.15 -13.19
CA THR C 153 -36.11 -12.77 -11.82
C THR C 153 -36.35 -11.29 -11.66
N PHE C 154 -36.24 -10.79 -10.44
CA PHE C 154 -36.59 -9.41 -10.13
C PHE C 154 -35.66 -8.42 -10.84
N VAL C 155 -34.51 -8.90 -11.28
CA VAL C 155 -33.52 -8.08 -11.94
C VAL C 155 -34.03 -7.70 -13.33
N ASP C 156 -34.90 -8.53 -13.87
CA ASP C 156 -35.55 -8.26 -15.14
C ASP C 156 -36.52 -7.08 -15.03
N PHE C 157 -37.06 -6.87 -13.83
CA PHE C 157 -37.95 -5.74 -13.57
C PHE C 157 -37.18 -4.44 -13.45
N LEU C 158 -35.97 -4.53 -12.91
CA LEU C 158 -35.11 -3.36 -12.78
C LEU C 158 -34.54 -2.96 -14.13
N ALA C 159 -34.14 -3.95 -14.93
CA ALA C 159 -33.62 -3.69 -16.26
C ALA C 159 -34.67 -3.05 -17.16
N TYR C 160 -35.90 -3.55 -17.09
CA TYR C 160 -37.03 -2.97 -17.83
C TYR C 160 -37.27 -1.50 -17.45
N ASP C 161 -37.39 -1.23 -16.15
CA ASP C 161 -37.57 0.12 -15.64
C ASP C 161 -36.50 1.07 -16.18
N VAL C 162 -35.23 0.66 -16.05
CA VAL C 162 -34.09 1.48 -16.44
C VAL C 162 -34.09 1.73 -17.96
N LEU C 163 -34.28 0.66 -18.71
CA LEU C 163 -34.34 0.73 -20.16
C LEU C 163 -35.52 1.57 -20.66
N ASP C 164 -36.64 1.45 -19.96
CA ASP C 164 -37.85 2.18 -20.33
C ASP C 164 -37.56 3.66 -20.20
N GLN C 165 -36.82 4.02 -19.15
CA GLN C 165 -36.47 5.40 -18.89
C GLN C 165 -35.57 5.95 -19.99
N GLN C 166 -34.68 5.12 -20.51
CA GLN C 166 -33.80 5.56 -21.59
C GLN C 166 -34.60 5.69 -22.88
N ARG C 167 -35.56 4.79 -23.06
CA ARG C 167 -36.34 4.70 -24.29
C ARG C 167 -37.36 5.85 -24.39
N MET C 168 -37.74 6.41 -23.26
CA MET C 168 -38.61 7.58 -23.24
C MET C 168 -37.80 8.86 -23.41
N PHE C 169 -36.52 8.79 -23.06
CA PHE C 169 -35.62 9.92 -23.15
C PHE C 169 -35.16 10.15 -24.59
N VAL C 170 -34.58 9.13 -25.20
CA VAL C 170 -34.16 9.20 -26.59
C VAL C 170 -34.63 7.95 -27.34
N PRO C 171 -35.88 7.98 -27.83
CA PRO C 171 -36.56 6.79 -28.39
C PRO C 171 -35.95 6.34 -29.72
N ASP C 172 -35.18 7.22 -30.33
CA ASP C 172 -34.62 6.99 -31.65
C ASP C 172 -33.22 6.37 -31.60
N CYS C 173 -32.71 6.14 -30.39
CA CYS C 173 -31.37 5.58 -30.19
C CYS C 173 -31.27 4.19 -30.82
N PRO C 174 -30.36 4.04 -31.80
CA PRO C 174 -30.24 2.82 -32.61
C PRO C 174 -29.78 1.60 -31.80
N GLU C 175 -29.05 1.85 -30.71
CA GLU C 175 -28.53 0.80 -29.85
C GLU C 175 -29.65 0.21 -29.02
N LEU C 176 -30.82 0.86 -29.07
CA LEU C 176 -32.01 0.37 -28.37
C LEU C 176 -32.76 -0.64 -29.19
N GLN C 177 -32.51 -0.63 -30.49
CA GLN C 177 -33.09 -1.62 -31.38
C GLN C 177 -32.19 -2.87 -31.42
N GLY C 178 -32.81 -4.04 -31.55
CA GLY C 178 -32.10 -5.30 -31.37
C GLY C 178 -32.65 -6.12 -30.21
N ASN C 179 -31.78 -6.92 -29.58
CA ASN C 179 -32.20 -7.78 -28.47
C ASN C 179 -32.77 -7.03 -27.27
N LEU C 180 -32.38 -5.77 -27.09
CA LEU C 180 -32.89 -4.96 -26.00
C LEU C 180 -34.32 -4.49 -26.26
N SER C 181 -34.64 -4.26 -27.53
CA SER C 181 -36.01 -3.94 -27.95
C SER C 181 -36.91 -5.17 -27.80
N GLN C 182 -36.36 -6.33 -28.17
CA GLN C 182 -37.07 -7.60 -28.05
C GLN C 182 -37.36 -7.89 -26.59
N PHE C 183 -36.45 -7.49 -25.71
CA PHE C 183 -36.63 -7.71 -24.28
C PHE C 183 -37.79 -6.89 -23.75
N LEU C 184 -37.83 -5.61 -24.09
CA LEU C 184 -38.86 -4.72 -23.57
C LEU C 184 -40.26 -5.17 -23.93
N GLN C 185 -40.45 -5.59 -25.18
CA GLN C 185 -41.76 -6.04 -25.61
C GLN C 185 -42.14 -7.43 -25.07
N ARG C 186 -41.14 -8.29 -24.89
CA ARG C 186 -41.34 -9.61 -24.27
C ARG C 186 -41.83 -9.49 -22.82
N PHE C 187 -41.33 -8.48 -22.11
CA PHE C 187 -41.72 -8.24 -20.73
C PHE C 187 -43.12 -7.64 -20.69
N GLU C 188 -43.39 -6.76 -21.66
CA GLU C 188 -44.69 -6.10 -21.76
C GLU C 188 -45.80 -7.05 -22.25
N ALA C 189 -45.39 -8.16 -22.87
CA ALA C 189 -46.33 -9.16 -23.36
C ALA C 189 -46.70 -10.19 -22.30
N LEU C 190 -46.01 -10.15 -21.16
CA LEU C 190 -46.36 -11.05 -20.06
C LEU C 190 -47.79 -10.80 -19.61
N GLU C 191 -48.52 -11.89 -19.39
CA GLU C 191 -49.95 -11.87 -19.15
C GLU C 191 -50.38 -10.81 -18.13
N LYS C 192 -49.81 -10.86 -16.94
CA LYS C 192 -50.29 -10.03 -15.84
C LYS C 192 -49.71 -8.61 -15.90
N ILE C 193 -48.64 -8.43 -16.67
CA ILE C 193 -48.03 -7.12 -16.82
C ILE C 193 -48.80 -6.32 -17.87
N SER C 194 -49.17 -6.96 -18.97
CA SER C 194 -49.91 -6.28 -20.03
C SER C 194 -51.31 -5.86 -19.56
N ALA C 195 -51.94 -6.69 -18.74
CA ALA C 195 -53.24 -6.37 -18.17
C ALA C 195 -53.11 -5.18 -17.22
N TYR C 196 -51.99 -5.09 -16.51
CA TYR C 196 -51.77 -4.01 -15.57
C TYR C 196 -51.54 -2.70 -16.32
N MET C 197 -50.94 -2.79 -17.50
CA MET C 197 -50.69 -1.61 -18.32
C MET C 197 -51.96 -1.16 -19.05
N ARG C 198 -52.90 -2.08 -19.20
CA ARG C 198 -54.18 -1.82 -19.85
C ARG C 198 -55.19 -1.27 -18.83
N SER C 199 -54.79 -1.27 -17.56
CA SER C 199 -55.64 -0.76 -16.50
C SER C 199 -55.37 0.71 -16.17
N GLY C 200 -56.01 1.20 -15.11
CA GLY C 200 -55.88 2.59 -14.72
C GLY C 200 -55.09 2.75 -13.42
N ARG C 201 -54.46 1.67 -12.96
CA ARG C 201 -53.52 1.74 -11.85
C ARG C 201 -52.12 2.14 -12.34
N PHE C 202 -51.94 2.12 -13.65
CA PHE C 202 -50.61 2.22 -14.24
C PHE C 202 -50.10 3.64 -14.36
N MET C 203 -48.87 3.86 -13.88
CA MET C 203 -48.23 5.18 -13.95
C MET C 203 -46.97 5.15 -14.82
N LYS C 204 -47.13 5.61 -16.07
CA LYS C 204 -45.99 5.76 -16.97
C LYS C 204 -45.21 7.03 -16.65
N ALA C 205 -45.81 7.90 -15.85
CA ALA C 205 -45.26 9.23 -15.60
C ALA C 205 -45.81 9.81 -14.31
N PRO C 206 -45.09 10.75 -13.68
CA PRO C 206 -43.74 11.21 -14.07
C PRO C 206 -42.64 10.32 -13.50
N ILE C 207 -41.55 10.17 -14.24
CA ILE C 207 -40.41 9.38 -13.79
C ILE C 207 -39.73 10.04 -12.59
N PHE C 208 -39.61 11.35 -12.65
CA PHE C 208 -38.89 12.10 -11.63
C PHE C 208 -39.76 13.05 -10.82
N TRP C 209 -39.19 13.48 -9.69
CA TRP C 209 -39.77 14.52 -8.87
C TRP C 209 -40.02 15.80 -9.67
N TYR C 210 -40.95 16.61 -9.19
CA TYR C 210 -41.42 17.74 -9.98
C TYR C 210 -40.37 18.83 -10.12
N THR C 211 -39.31 18.73 -9.32
CA THR C 211 -38.21 19.69 -9.33
C THR C 211 -37.18 19.36 -10.44
N ALA C 212 -37.53 18.40 -11.29
CA ALA C 212 -36.64 17.92 -12.34
C ALA C 212 -36.75 18.77 -13.60
N LEU C 213 -35.63 18.90 -14.30
CA LEU C 213 -35.53 19.67 -15.54
C LEU C 213 -36.03 18.87 -16.74
N TRP C 214 -36.15 17.56 -16.56
CA TRP C 214 -36.74 16.71 -17.59
C TRP C 214 -37.73 15.71 -17.00
N ASN C 215 -38.80 15.46 -17.74
CA ASN C 215 -39.87 14.53 -17.34
C ASN C 215 -40.68 14.14 -18.59
N ASN C 216 -41.58 13.18 -18.41
CA ASN C 216 -42.48 12.76 -19.49
C ASN C 216 -43.92 13.23 -19.26
N LYS C 217 -44.24 13.56 -18.01
CA LYS C 217 -45.51 14.18 -17.65
C LYS C 217 -45.33 14.89 -16.30
N VAL D 1 -5.50 -18.17 -6.00
CA VAL D 1 -5.08 -16.75 -5.82
C VAL D 1 -5.96 -15.80 -6.64
N VAL D 2 -6.50 -14.78 -5.98
CA VAL D 2 -7.41 -13.84 -6.64
C VAL D 2 -6.78 -12.46 -6.75
N THR D 3 -7.31 -11.65 -7.65
CA THR D 3 -6.80 -10.29 -7.80
C THR D 3 -7.88 -9.25 -7.65
N LEU D 4 -7.54 -8.22 -6.86
CA LEU D 4 -8.45 -7.14 -6.59
C LEU D 4 -7.92 -5.89 -7.26
N GLY D 5 -8.73 -5.34 -8.16
CA GLY D 5 -8.34 -4.12 -8.85
C GLY D 5 -9.08 -2.92 -8.32
N TYR D 6 -8.33 -1.86 -8.05
CA TYR D 6 -8.87 -0.62 -7.54
C TYR D 6 -7.74 0.44 -7.59
N TRP D 7 -8.08 1.70 -7.32
CA TRP D 7 -7.09 2.76 -7.20
C TRP D 7 -6.20 2.56 -5.98
N ASP D 8 -5.15 3.38 -5.87
CA ASP D 8 -4.34 3.40 -4.66
C ASP D 8 -4.93 4.34 -3.61
N ILE D 9 -6.24 4.23 -3.40
CA ILE D 9 -6.91 4.92 -2.29
C ILE D 9 -7.72 3.91 -1.51
N ARG D 10 -8.30 4.37 -0.39
CA ARG D 10 -9.12 3.52 0.45
C ARG D 10 -10.48 3.31 -0.21
N GLY D 11 -11.23 4.40 -0.36
CA GLY D 11 -12.52 4.34 -1.06
C GLY D 11 -13.41 3.14 -0.78
N LEU D 12 -13.92 2.55 -1.86
CA LEU D 12 -14.92 1.48 -1.84
C LEU D 12 -14.34 0.10 -1.52
N ALA D 13 -13.03 -0.06 -1.72
CA ALA D 13 -12.40 -1.37 -1.60
C ALA D 13 -11.95 -1.69 -0.19
N HIS D 14 -12.13 -0.75 0.73
CA HIS D 14 -11.68 -0.92 2.12
C HIS D 14 -12.35 -2.13 2.76
N ALA D 15 -13.68 -2.21 2.66
CA ALA D 15 -14.42 -3.33 3.23
C ALA D 15 -14.08 -4.66 2.56
N ILE D 16 -13.72 -4.60 1.28
CA ILE D 16 -13.40 -5.78 0.50
C ILE D 16 -12.04 -6.32 0.95
N ARG D 17 -11.13 -5.39 1.21
CA ARG D 17 -9.79 -5.74 1.65
C ARG D 17 -9.79 -6.35 3.05
N LEU D 18 -10.59 -5.77 3.94
CA LEU D 18 -10.78 -6.30 5.29
C LEU D 18 -11.39 -7.71 5.26
N LEU D 19 -12.26 -7.93 4.28
CA LEU D 19 -13.00 -9.17 4.15
C LEU D 19 -12.10 -10.27 3.64
N LEU D 20 -11.30 -9.96 2.63
CA LEU D 20 -10.32 -10.91 2.12
C LEU D 20 -9.32 -11.33 3.18
N GLU D 21 -8.98 -10.38 4.05
CA GLU D 21 -8.03 -10.64 5.15
C GLU D 21 -8.63 -11.56 6.18
N TYR D 22 -9.84 -11.21 6.62
CA TYR D 22 -10.57 -11.97 7.62
C TYR D 22 -10.81 -13.40 7.18
N THR D 23 -11.10 -13.58 5.89
CA THR D 23 -11.43 -14.88 5.33
C THR D 23 -10.18 -15.68 4.96
N GLU D 24 -9.02 -15.04 5.10
CA GLU D 24 -7.73 -15.62 4.76
C GLU D 24 -7.67 -16.08 3.30
N THR D 25 -8.40 -15.38 2.44
CA THR D 25 -8.33 -15.61 1.01
C THR D 25 -7.01 -15.08 0.46
N PRO D 26 -6.24 -15.94 -0.21
CA PRO D 26 -5.00 -15.50 -0.85
C PRO D 26 -5.32 -14.57 -2.01
N TYR D 27 -4.84 -13.33 -1.89
CA TYR D 27 -5.07 -12.32 -2.92
C TYR D 27 -3.84 -11.45 -3.19
N GLN D 28 -3.85 -10.83 -4.37
CA GLN D 28 -2.90 -9.80 -4.75
C GLN D 28 -3.71 -8.55 -5.11
N GLU D 29 -3.01 -7.42 -5.31
CA GLU D 29 -3.69 -6.17 -5.63
C GLU D 29 -3.13 -5.48 -6.86
N ARG D 30 -4.01 -5.18 -7.81
CA ARG D 30 -3.70 -4.29 -8.91
C ARG D 30 -4.15 -2.88 -8.56
N ARG D 31 -3.27 -2.12 -7.91
CA ARG D 31 -3.56 -0.75 -7.56
C ARG D 31 -3.27 0.18 -8.75
N TYR D 32 -4.27 0.97 -9.13
CA TYR D 32 -4.16 1.85 -10.28
C TYR D 32 -3.74 3.25 -9.86
N LYS D 33 -3.06 3.95 -10.74
CA LYS D 33 -2.45 5.22 -10.38
C LYS D 33 -2.89 6.37 -11.31
N ALA D 34 -3.13 7.53 -10.70
CA ALA D 34 -3.44 8.74 -11.45
C ALA D 34 -2.16 9.51 -11.80
N GLY D 35 -2.22 10.33 -12.84
CA GLY D 35 -1.14 11.27 -13.11
C GLY D 35 -1.06 12.34 -12.03
N PRO D 36 -0.04 13.19 -12.05
CA PRO D 36 0.09 14.26 -11.04
C PRO D 36 -0.95 15.38 -11.17
N ALA D 37 -0.96 16.30 -10.20
CA ALA D 37 -1.92 17.39 -10.12
C ALA D 37 -1.63 18.51 -11.14
N PRO D 38 -2.68 19.21 -11.61
CA PRO D 38 -4.08 18.95 -11.25
C PRO D 38 -4.83 18.07 -12.25
N ASP D 39 -4.12 17.61 -13.28
CA ASP D 39 -4.70 16.79 -14.36
C ASP D 39 -5.29 15.50 -13.77
N PHE D 40 -4.45 14.80 -13.01
CA PHE D 40 -4.73 13.45 -12.50
C PHE D 40 -5.09 12.44 -13.59
N ASP D 41 -4.09 12.13 -14.42
CA ASP D 41 -4.25 11.27 -15.60
C ASP D 41 -4.70 9.85 -15.23
N PRO D 42 -5.92 9.47 -15.67
CA PRO D 42 -6.54 8.15 -15.43
C PRO D 42 -6.00 7.02 -16.31
N SER D 43 -4.99 7.33 -17.11
CA SER D 43 -4.51 6.45 -18.20
C SER D 43 -4.16 5.02 -17.78
N ASP D 44 -3.60 4.86 -16.59
CA ASP D 44 -3.23 3.54 -16.08
C ASP D 44 -4.41 2.56 -16.13
N TRP D 45 -5.61 3.02 -15.77
CA TRP D 45 -6.82 2.20 -15.82
C TRP D 45 -7.48 2.18 -17.19
N THR D 46 -7.69 3.37 -17.76
CA THR D 46 -8.46 3.49 -19.01
C THR D 46 -7.86 2.71 -20.18
N ASN D 47 -6.55 2.51 -20.20
CA ASN D 47 -5.90 1.75 -21.27
C ASN D 47 -6.02 0.23 -21.06
N GLU D 48 -6.78 -0.15 -20.04
CA GLU D 48 -6.90 -1.55 -19.64
C GLU D 48 -8.35 -1.90 -19.34
N LYS D 49 -9.19 -0.88 -19.18
CA LYS D 49 -10.60 -1.04 -18.83
C LYS D 49 -11.31 -2.15 -19.61
N GLU D 50 -10.97 -2.30 -20.89
CA GLU D 50 -11.73 -3.16 -21.77
C GLU D 50 -11.08 -4.53 -22.06
N LYS D 51 -9.77 -4.65 -21.79
CA LYS D 51 -9.04 -5.86 -22.10
C LYS D 51 -9.04 -6.89 -20.97
N LEU D 52 -9.83 -6.62 -19.92
CA LEU D 52 -9.84 -7.48 -18.73
C LEU D 52 -10.88 -8.58 -18.82
N GLY D 53 -11.87 -8.40 -19.68
CA GLY D 53 -12.87 -9.43 -19.87
C GLY D 53 -14.04 -9.28 -18.93
N LEU D 54 -14.15 -8.10 -18.33
CA LEU D 54 -15.24 -7.79 -17.41
C LEU D 54 -16.54 -7.53 -18.19
N ASP D 55 -17.66 -7.98 -17.63
CA ASP D 55 -18.96 -7.77 -18.23
C ASP D 55 -19.30 -6.29 -18.29
N PHE D 56 -19.18 -5.62 -17.14
CA PHE D 56 -19.43 -4.19 -17.01
C PHE D 56 -18.23 -3.56 -16.31
N PRO D 57 -17.19 -3.22 -17.08
CA PRO D 57 -15.92 -2.77 -16.51
C PRO D 57 -16.06 -1.60 -15.55
N ASN D 58 -15.37 -1.72 -14.41
CA ASN D 58 -15.55 -0.80 -13.29
C ASN D 58 -14.47 -1.06 -12.24
N LEU D 59 -14.41 -0.19 -11.23
CA LEU D 59 -13.53 -0.41 -10.10
C LEU D 59 -14.27 -0.19 -8.80
N PRO D 60 -14.25 -1.17 -7.89
CA PRO D 60 -13.34 -2.33 -7.87
C PRO D 60 -13.75 -3.48 -8.78
N TYR D 61 -12.78 -4.29 -9.15
CA TYR D 61 -13.06 -5.57 -9.78
C TYR D 61 -12.39 -6.67 -8.97
N LEU D 62 -12.89 -7.89 -9.11
CA LEU D 62 -12.21 -9.01 -8.51
C LEU D 62 -12.18 -10.12 -9.53
N ILE D 63 -11.03 -10.77 -9.63
CA ILE D 63 -10.87 -11.88 -10.53
C ILE D 63 -10.45 -13.11 -9.76
N ASP D 64 -11.31 -14.13 -9.76
CA ASP D 64 -11.01 -15.41 -9.15
C ASP D 64 -11.11 -16.54 -10.18
N GLY D 65 -10.06 -16.68 -10.97
CA GLY D 65 -10.10 -17.65 -12.06
C GLY D 65 -10.92 -17.14 -13.22
N ASP D 66 -12.05 -17.80 -13.46
CA ASP D 66 -12.94 -17.45 -14.56
C ASP D 66 -14.10 -16.59 -14.06
N VAL D 67 -14.19 -16.45 -12.74
CA VAL D 67 -15.16 -15.55 -12.12
C VAL D 67 -14.57 -14.15 -12.13
N LYS D 68 -15.16 -13.26 -12.92
CA LYS D 68 -14.67 -11.88 -13.04
C LYS D 68 -15.79 -10.91 -12.74
N LEU D 69 -15.70 -10.23 -11.61
CA LEU D 69 -16.81 -9.43 -11.10
C LEU D 69 -16.49 -7.94 -10.94
N THR D 70 -17.54 -7.14 -11.07
CA THR D 70 -17.50 -5.71 -10.83
C THR D 70 -18.60 -5.38 -9.80
N GLN D 71 -18.61 -4.15 -9.29
CA GLN D 71 -19.52 -3.71 -8.22
C GLN D 71 -19.15 -4.23 -6.83
N SER D 72 -18.87 -3.30 -5.92
CA SER D 72 -18.37 -3.61 -4.58
C SER D 72 -19.28 -4.54 -3.78
N ASN D 73 -20.58 -4.25 -3.80
CA ASN D 73 -21.56 -5.04 -3.08
C ASN D 73 -21.57 -6.47 -3.59
N ALA D 74 -21.51 -6.61 -4.92
CA ALA D 74 -21.54 -7.92 -5.57
C ALA D 74 -20.27 -8.71 -5.25
N ILE D 75 -19.16 -8.00 -5.14
CA ILE D 75 -17.88 -8.62 -4.84
C ILE D 75 -17.93 -9.15 -3.41
N LEU D 76 -18.50 -8.36 -2.52
CA LEU D 76 -18.60 -8.69 -1.10
C LEU D 76 -19.47 -9.91 -0.87
N ARG D 77 -20.59 -9.97 -1.59
CA ARG D 77 -21.53 -11.08 -1.46
C ARG D 77 -20.96 -12.40 -2.01
N TYR D 78 -20.06 -12.29 -2.98
CA TYR D 78 -19.42 -13.49 -3.55
C TYR D 78 -18.47 -14.15 -2.56
N ILE D 79 -17.64 -13.35 -1.88
CA ILE D 79 -16.73 -13.93 -0.89
C ILE D 79 -17.51 -14.37 0.34
N ALA D 80 -18.57 -13.64 0.67
CA ALA D 80 -19.44 -14.01 1.77
C ALA D 80 -20.08 -15.38 1.56
N ARG D 81 -20.53 -15.66 0.33
CA ARG D 81 -21.18 -16.95 0.02
C ARG D 81 -20.22 -18.13 0.20
N LYS D 82 -18.96 -17.91 -0.18
CA LYS D 82 -17.93 -18.96 -0.07
C LYS D 82 -17.61 -19.28 1.39
N HIS D 83 -18.04 -18.43 2.31
CA HIS D 83 -17.64 -18.55 3.70
C HIS D 83 -18.82 -18.38 4.64
N ASN D 84 -20.02 -18.53 4.10
CA ASN D 84 -21.25 -18.54 4.89
C ASN D 84 -21.43 -17.32 5.79
N MET D 85 -21.07 -16.16 5.27
CA MET D 85 -21.21 -14.92 6.00
C MET D 85 -22.31 -14.07 5.39
N CYS D 86 -23.29 -14.75 4.81
CA CYS D 86 -24.57 -14.14 4.44
C CYS D 86 -25.58 -14.47 5.53
N GLY D 87 -26.83 -14.04 5.32
CA GLY D 87 -27.90 -14.42 6.22
C GLY D 87 -28.20 -15.90 6.14
N GLU D 88 -28.77 -16.43 7.21
CA GLU D 88 -29.16 -17.82 7.25
C GLU D 88 -30.68 -17.92 7.18
N THR D 89 -31.34 -17.29 8.16
CA THR D 89 -32.80 -17.24 8.24
C THR D 89 -33.35 -16.14 7.34
N GLU D 90 -34.67 -16.12 7.14
CA GLU D 90 -35.32 -15.07 6.37
C GLU D 90 -35.12 -13.71 7.03
N VAL D 91 -35.18 -13.68 8.36
CA VAL D 91 -35.04 -12.43 9.11
C VAL D 91 -33.63 -11.89 8.95
N GLU D 92 -32.66 -12.79 8.99
CA GLU D 92 -31.26 -12.41 8.81
C GLU D 92 -31.02 -11.83 7.41
N LYS D 93 -31.64 -12.43 6.40
CA LYS D 93 -31.51 -11.94 5.02
C LYS D 93 -32.18 -10.59 4.83
N GLN D 94 -33.33 -10.40 5.44
CA GLN D 94 -33.98 -9.10 5.41
C GLN D 94 -33.07 -8.02 6.01
N ARG D 95 -32.35 -8.37 7.08
CA ARG D 95 -31.44 -7.43 7.73
C ARG D 95 -30.23 -7.12 6.84
N VAL D 96 -29.67 -8.14 6.23
CA VAL D 96 -28.59 -7.97 5.26
C VAL D 96 -28.98 -7.01 4.14
N ASP D 97 -30.14 -7.24 3.55
CA ASP D 97 -30.56 -6.51 2.36
C ASP D 97 -30.80 -5.04 2.63
N VAL D 98 -31.40 -4.74 3.79
CA VAL D 98 -31.73 -3.36 4.13
C VAL D 98 -30.48 -2.58 4.48
N LEU D 99 -29.62 -3.18 5.29
CA LEU D 99 -28.38 -2.54 5.72
C LEU D 99 -27.45 -2.32 4.55
N GLU D 100 -27.35 -3.31 3.68
CA GLU D 100 -26.48 -3.20 2.51
C GLU D 100 -26.80 -1.94 1.71
N ASN D 101 -28.09 -1.66 1.59
CA ASN D 101 -28.59 -0.59 0.74
C ASN D 101 -28.62 0.74 1.51
N HIS D 102 -28.96 0.67 2.80
CA HIS D 102 -29.02 1.85 3.64
C HIS D 102 -27.63 2.44 3.86
N LEU D 103 -26.64 1.60 4.10
CA LEU D 103 -25.26 2.03 4.31
C LEU D 103 -24.66 2.64 3.05
N MET D 104 -25.10 2.18 1.89
CA MET D 104 -24.68 2.78 0.65
C MET D 104 -25.23 4.18 0.53
N ASP D 105 -26.45 4.40 1.02
CA ASP D 105 -27.06 5.73 1.02
C ASP D 105 -26.27 6.69 1.90
N LEU D 106 -25.86 6.20 3.07
CA LEU D 106 -25.05 6.99 3.98
C LEU D 106 -23.69 7.28 3.38
N ARG D 107 -23.06 6.26 2.81
CA ARG D 107 -21.74 6.41 2.17
C ARG D 107 -21.79 7.43 1.04
N MET D 108 -22.84 7.37 0.24
CA MET D 108 -23.01 8.24 -0.93
C MET D 108 -23.30 9.68 -0.53
N ALA D 109 -24.04 9.84 0.56
CA ALA D 109 -24.42 11.14 1.08
C ALA D 109 -23.20 11.89 1.61
N PHE D 110 -22.29 11.15 2.23
CA PHE D 110 -21.06 11.74 2.75
C PHE D 110 -20.09 12.10 1.61
N ALA D 111 -20.03 11.23 0.61
CA ALA D 111 -19.18 11.44 -0.55
C ALA D 111 -19.58 12.70 -1.32
N ARG D 112 -20.88 12.88 -1.53
CA ARG D 112 -21.41 14.06 -2.22
C ARG D 112 -20.92 15.33 -1.55
N LEU D 113 -20.96 15.33 -0.22
CA LEU D 113 -20.51 16.49 0.57
C LEU D 113 -19.03 16.79 0.34
N CYS D 114 -18.21 15.76 0.49
CA CYS D 114 -16.76 15.91 0.47
C CYS D 114 -16.20 16.15 -0.92
N TYR D 115 -17.03 15.96 -1.95
CA TYR D 115 -16.62 16.23 -3.32
C TYR D 115 -17.16 17.56 -3.85
N SER D 116 -18.16 18.11 -3.16
CA SER D 116 -18.80 19.38 -3.53
C SER D 116 -17.87 20.56 -3.22
N PRO D 117 -17.67 21.44 -4.20
CA PRO D 117 -16.91 22.69 -3.96
C PRO D 117 -17.58 23.62 -2.94
N ASP D 118 -18.90 23.49 -2.80
CA ASP D 118 -19.64 24.23 -1.77
C ASP D 118 -19.58 23.49 -0.42
N PHE D 119 -18.50 22.75 -0.24
CA PHE D 119 -18.26 21.91 0.94
C PHE D 119 -18.56 22.66 2.23
N GLU D 120 -17.92 23.81 2.41
CA GLU D 120 -18.02 24.58 3.64
C GLU D 120 -19.43 25.09 3.92
N LYS D 121 -20.16 25.42 2.86
CA LYS D 121 -21.55 25.87 2.98
C LYS D 121 -22.49 24.73 3.37
N LEU D 122 -22.12 23.51 2.99
CA LEU D 122 -22.99 22.35 3.19
C LEU D 122 -22.69 21.58 4.48
N LYS D 123 -21.50 21.79 5.03
CA LYS D 123 -21.05 21.07 6.22
C LYS D 123 -22.00 21.16 7.43
N PRO D 124 -22.45 22.37 7.80
CA PRO D 124 -23.33 22.49 8.95
C PRO D 124 -24.63 21.70 8.81
N ALA D 125 -25.21 21.71 7.60
CA ALA D 125 -26.46 21.03 7.32
C ALA D 125 -26.33 19.52 7.52
N TYR D 126 -25.23 18.96 7.01
CA TYR D 126 -24.94 17.54 7.19
C TYR D 126 -24.77 17.16 8.66
N LEU D 127 -24.08 18.01 9.42
CA LEU D 127 -23.78 17.75 10.82
C LEU D 127 -25.02 17.77 11.71
N GLU D 128 -26.09 18.38 11.21
CA GLU D 128 -27.35 18.46 11.93
C GLU D 128 -28.11 17.13 11.83
N LEU D 129 -28.21 16.62 10.59
CA LEU D 129 -28.95 15.40 10.34
C LEU D 129 -28.16 14.14 10.70
N LEU D 130 -26.87 14.31 10.98
CA LEU D 130 -25.99 13.19 11.28
C LEU D 130 -26.34 12.44 12.56
N PRO D 131 -26.45 13.15 13.70
CA PRO D 131 -26.73 12.46 14.96
C PRO D 131 -27.98 11.58 14.92
N GLY D 132 -28.97 12.00 14.14
CA GLY D 132 -30.20 11.24 14.02
C GLY D 132 -29.99 9.96 13.25
N LYS D 133 -29.20 10.03 12.18
CA LYS D 133 -28.86 8.86 11.40
C LYS D 133 -28.06 7.86 12.23
N LEU D 134 -27.13 8.37 13.04
CA LEU D 134 -26.32 7.54 13.94
C LEU D 134 -27.16 6.91 15.06
N ARG D 135 -28.20 7.63 15.50
CA ARG D 135 -29.14 7.13 16.51
C ARG D 135 -30.00 5.98 15.96
N GLN D 136 -30.28 6.03 14.66
CA GLN D 136 -31.03 5.00 13.97
C GLN D 136 -30.27 3.67 14.07
N LEU D 137 -29.00 3.72 13.70
CA LEU D 137 -28.10 2.56 13.65
C LEU D 137 -27.82 2.04 15.05
N SER D 138 -27.81 2.94 16.02
CA SER D 138 -27.63 2.59 17.44
C SER D 138 -28.83 1.78 17.92
N ARG D 139 -30.02 2.19 17.51
CA ARG D 139 -31.27 1.53 17.87
C ARG D 139 -31.34 0.14 17.26
N PHE D 140 -30.96 0.04 15.99
CA PHE D 140 -31.02 -1.21 15.26
C PHE D 140 -30.12 -2.28 15.84
N LEU D 141 -28.84 -1.95 16.00
CA LEU D 141 -27.85 -2.86 16.60
C LEU D 141 -28.28 -3.34 17.99
N GLY D 142 -28.69 -2.39 18.84
CA GLY D 142 -29.14 -2.73 20.18
C GLY D 142 -28.04 -3.28 21.07
N SER D 143 -28.36 -4.33 21.81
CA SER D 143 -27.39 -5.02 22.65
C SER D 143 -26.77 -6.23 21.93
N ARG D 144 -27.01 -6.30 20.62
CA ARG D 144 -26.47 -7.35 19.79
C ARG D 144 -24.95 -7.25 19.70
N SER D 145 -24.32 -8.39 19.43
CA SER D 145 -22.88 -8.46 19.15
C SER D 145 -22.58 -7.93 17.75
N TRP D 146 -23.26 -8.48 16.75
CA TRP D 146 -23.09 -8.08 15.35
C TRP D 146 -24.38 -7.52 14.80
N PHE D 147 -24.33 -7.00 13.58
CA PHE D 147 -25.47 -6.25 13.03
C PHE D 147 -26.67 -7.10 12.55
N VAL D 148 -26.42 -8.34 12.15
CA VAL D 148 -27.48 -9.21 11.63
C VAL D 148 -27.88 -10.29 12.64
N GLY D 149 -27.10 -10.43 13.70
CA GLY D 149 -27.44 -11.39 14.73
C GLY D 149 -26.23 -11.85 15.53
N ASP D 150 -26.08 -13.16 15.60
CA ASP D 150 -25.01 -13.78 16.37
C ASP D 150 -23.76 -13.89 15.51
N LYS D 151 -23.98 -14.02 14.21
CA LYS D 151 -22.91 -14.29 13.28
C LYS D 151 -22.40 -13.00 12.66
N LEU D 152 -21.08 -12.92 12.51
CA LEU D 152 -20.46 -11.90 11.69
C LEU D 152 -20.80 -12.15 10.22
N THR D 153 -21.21 -11.08 9.54
CA THR D 153 -21.56 -11.14 8.12
C THR D 153 -20.86 -9.99 7.39
N PHE D 154 -20.94 -9.97 6.07
CA PHE D 154 -20.23 -8.96 5.29
C PHE D 154 -20.78 -7.55 5.54
N VAL D 155 -22.01 -7.46 6.05
CA VAL D 155 -22.64 -6.15 6.28
C VAL D 155 -21.97 -5.45 7.46
N ASP D 156 -21.33 -6.25 8.31
CA ASP D 156 -20.58 -5.72 9.45
C ASP D 156 -19.31 -5.01 8.99
N PHE D 157 -18.78 -5.43 7.85
CA PHE D 157 -17.60 -4.81 7.25
C PHE D 157 -17.94 -3.49 6.56
N LEU D 158 -19.16 -3.41 6.02
CA LEU D 158 -19.66 -2.17 5.43
C LEU D 158 -19.98 -1.17 6.52
N ALA D 159 -20.63 -1.66 7.59
CA ALA D 159 -21.01 -0.80 8.72
C ALA D 159 -19.77 -0.19 9.36
N TYR D 160 -18.76 -1.02 9.61
CA TYR D 160 -17.48 -0.57 10.14
C TYR D 160 -16.86 0.50 9.28
N ASP D 161 -16.76 0.25 7.98
CA ASP D 161 -16.13 1.17 7.04
C ASP D 161 -16.85 2.52 7.01
N VAL D 162 -18.18 2.47 7.01
CA VAL D 162 -19.02 3.65 6.98
C VAL D 162 -18.87 4.45 8.28
N LEU D 163 -18.92 3.73 9.41
CA LEU D 163 -18.79 4.36 10.72
C LEU D 163 -17.38 4.89 10.98
N ASP D 164 -16.39 4.21 10.42
CA ASP D 164 -15.00 4.64 10.54
C ASP D 164 -14.80 5.98 9.85
N GLN D 165 -15.42 6.15 8.69
CA GLN D 165 -15.35 7.42 7.96
C GLN D 165 -16.00 8.56 8.73
N GLN D 166 -17.10 8.26 9.43
CA GLN D 166 -17.77 9.26 10.26
C GLN D 166 -16.90 9.67 11.45
N ARG D 167 -16.26 8.67 12.06
CA ARG D 167 -15.44 8.86 13.24
C ARG D 167 -14.16 9.64 12.92
N MET D 168 -13.65 9.50 11.69
CA MET D 168 -12.48 10.25 11.26
C MET D 168 -12.90 11.68 10.97
N PHE D 169 -14.17 11.84 10.58
CA PHE D 169 -14.73 13.14 10.21
C PHE D 169 -14.94 14.01 11.45
N VAL D 170 -15.82 13.54 12.33
CA VAL D 170 -16.15 14.24 13.57
C VAL D 170 -15.98 13.28 14.76
N PRO D 171 -14.73 13.11 15.22
CA PRO D 171 -14.39 12.11 16.23
C PRO D 171 -15.05 12.37 17.58
N ASP D 172 -15.51 13.61 17.76
CA ASP D 172 -16.04 14.07 19.04
C ASP D 172 -17.54 13.82 19.17
N CYS D 173 -18.17 13.35 18.09
CA CYS D 173 -19.63 13.22 18.08
C CYS D 173 -20.10 12.24 19.13
N PRO D 174 -20.99 12.70 20.03
CA PRO D 174 -21.33 11.95 21.24
C PRO D 174 -22.22 10.75 20.91
N GLU D 175 -22.88 10.81 19.75
CA GLU D 175 -23.71 9.72 19.28
C GLU D 175 -22.89 8.57 18.72
N LEU D 176 -21.56 8.78 18.64
CA LEU D 176 -20.64 7.71 18.27
C LEU D 176 -20.14 6.93 19.48
N GLN D 177 -20.29 7.52 20.67
CA GLN D 177 -20.03 6.81 21.91
C GLN D 177 -21.23 5.97 22.35
N GLY D 178 -20.96 4.84 22.98
CA GLY D 178 -22.00 3.87 23.25
C GLY D 178 -21.77 2.57 22.50
N ASN D 179 -22.86 1.90 22.11
CA ASN D 179 -22.75 0.59 21.49
C ASN D 179 -22.11 0.65 20.11
N LEU D 180 -22.17 1.83 19.48
CA LEU D 180 -21.53 2.06 18.18
C LEU D 180 -20.01 2.12 18.31
N SER D 181 -19.55 2.66 19.43
CA SER D 181 -18.12 2.67 19.72
C SER D 181 -17.64 1.28 20.10
N GLN D 182 -18.46 0.56 20.85
CA GLN D 182 -18.10 -0.79 21.27
C GLN D 182 -18.07 -1.77 20.08
N PHE D 183 -18.81 -1.46 19.01
CA PHE D 183 -18.80 -2.27 17.80
C PHE D 183 -17.50 -2.07 17.04
N LEU D 184 -17.09 -0.82 16.89
CA LEU D 184 -15.89 -0.50 16.16
C LEU D 184 -14.67 -1.17 16.77
N GLN D 185 -14.54 -1.13 18.09
CA GLN D 185 -13.44 -1.79 18.78
C GLN D 185 -13.50 -3.31 18.70
N ARG D 186 -14.70 -3.86 18.82
CA ARG D 186 -14.88 -5.31 18.76
C ARG D 186 -14.52 -5.89 17.39
N PHE D 187 -14.72 -5.10 16.35
CA PHE D 187 -14.33 -5.50 15.00
C PHE D 187 -12.83 -5.43 14.86
N GLU D 188 -12.24 -4.37 15.39
CA GLU D 188 -10.79 -4.18 15.28
C GLU D 188 -10.02 -5.13 16.18
N ALA D 189 -10.73 -5.76 17.13
CA ALA D 189 -10.11 -6.72 18.04
C ALA D 189 -10.10 -8.13 17.46
N LEU D 190 -10.81 -8.31 16.34
CA LEU D 190 -10.83 -9.59 15.62
C LEU D 190 -9.42 -9.97 15.20
N GLU D 191 -9.07 -11.23 15.39
CA GLU D 191 -7.66 -11.62 15.37
C GLU D 191 -6.97 -11.30 14.04
N LYS D 192 -7.58 -11.64 12.91
CA LYS D 192 -6.91 -11.38 11.64
C LYS D 192 -7.12 -9.99 11.09
N ILE D 193 -8.02 -9.24 11.71
CA ILE D 193 -8.24 -7.84 11.38
C ILE D 193 -7.19 -7.00 12.09
N SER D 194 -6.97 -7.30 13.37
CA SER D 194 -5.95 -6.67 14.21
C SER D 194 -4.59 -6.75 13.56
N ALA D 195 -4.19 -7.97 13.20
CA ALA D 195 -2.88 -8.20 12.64
C ALA D 195 -2.75 -7.54 11.26
N TYR D 196 -3.85 -7.39 10.53
CA TYR D 196 -3.85 -6.68 9.25
C TYR D 196 -3.55 -5.21 9.50
N MET D 197 -4.07 -4.68 10.61
CA MET D 197 -3.92 -3.27 10.94
C MET D 197 -2.53 -3.00 11.50
N ARG D 198 -1.93 -4.05 12.03
CA ARG D 198 -0.58 -4.05 12.59
C ARG D 198 0.46 -4.03 11.47
N SER D 199 0.04 -4.37 10.27
CA SER D 199 0.96 -4.59 9.15
C SER D 199 1.10 -3.36 8.25
N GLY D 200 1.81 -3.53 7.15
CA GLY D 200 2.06 -2.43 6.23
C GLY D 200 1.25 -2.50 4.96
N ARG D 201 0.31 -3.44 4.91
CA ARG D 201 -0.64 -3.57 3.82
C ARG D 201 -1.80 -2.61 4.03
N PHE D 202 -1.88 -2.03 5.23
CA PHE D 202 -3.08 -1.34 5.68
C PHE D 202 -3.18 0.12 5.21
N MET D 203 -4.35 0.45 4.67
CA MET D 203 -4.60 1.76 4.07
C MET D 203 -5.72 2.47 4.83
N LYS D 204 -5.34 3.29 5.80
CA LYS D 204 -6.29 4.09 6.57
C LYS D 204 -6.67 5.38 5.82
N ALA D 205 -5.93 5.67 4.75
CA ALA D 205 -6.09 6.91 4.02
C ALA D 205 -5.46 6.82 2.62
N PRO D 206 -5.89 7.71 1.69
CA PRO D 206 -7.06 8.59 1.81
C PRO D 206 -8.39 7.92 1.47
N ILE D 207 -9.44 8.34 2.18
CA ILE D 207 -10.76 7.76 1.95
C ILE D 207 -11.27 8.12 0.57
N PHE D 208 -10.95 9.34 0.14
CA PHE D 208 -11.49 9.90 -1.09
C PHE D 208 -10.45 10.14 -2.17
N TRP D 209 -10.93 10.30 -3.40
CA TRP D 209 -10.11 10.71 -4.54
C TRP D 209 -9.45 12.05 -4.22
N TYR D 210 -8.36 12.34 -4.89
CA TYR D 210 -7.55 13.52 -4.56
C TYR D 210 -8.26 14.84 -4.91
N THR D 211 -9.33 14.77 -5.70
CA THR D 211 -10.10 15.96 -6.05
C THR D 211 -11.09 16.35 -4.96
N ALA D 212 -11.02 15.66 -3.82
CA ALA D 212 -11.95 15.90 -2.73
C ALA D 212 -11.49 17.07 -1.89
N LEU D 213 -12.45 17.82 -1.35
CA LEU D 213 -12.11 18.95 -0.50
C LEU D 213 -11.96 18.56 0.98
N TRP D 214 -12.27 17.31 1.29
CA TRP D 214 -11.92 16.73 2.59
C TRP D 214 -11.26 15.36 2.44
N ASN D 215 -10.29 15.10 3.32
CA ASN D 215 -9.60 13.81 3.38
C ASN D 215 -8.84 13.69 4.71
N ASN D 216 -8.28 12.51 4.93
CA ASN D 216 -7.51 12.20 6.14
C ASN D 216 -6.01 12.16 5.87
N LYS D 217 -5.65 11.95 4.61
CA LYS D 217 -4.27 12.08 4.14
C LYS D 217 -4.23 12.36 2.62
#